data_4R4F
#
_entry.id   4R4F
#
_cell.length_a   158.321
_cell.length_b   171.230
_cell.length_c   227.974
_cell.angle_alpha   90.00
_cell.angle_beta   90.00
_cell.angle_gamma   90.00
#
_symmetry.space_group_name_H-M   'F 2 2 2'
#
loop_
_entity.id
_entity.type
_entity.pdbx_description
1 polymer 'HIV-1 Env gp120'
2 polymer 'Antibody 2.2c LIGHT CHAIN'
3 polymer 'Antibody 2.2c heavy CHAIN'
4 polymer 'M48U1 peptide'
5 non-polymer 2-acetamido-2-deoxy-beta-D-glucopyranose
6 non-polymer (R,R)-2,3-BUTANEDIOL
7 non-polymer 'SULFATE ION'
#
loop_
_entity_poly.entity_id
_entity_poly.type
_entity_poly.pdbx_seq_one_letter_code
_entity_poly.pdbx_strand_id
1 'polypeptide(L)'
;MPMGSLQPLATLYLLGMLVASVLAVWKEATTTLFCASDAKAYDTEVHNVWATHACVPTDPNPQEVKLENVTENFNMWKNN
MVEQMHEDIISLWDQSLKPCVKLTGGSVITQACPKVSFEPIPIHYCAPAGFAILKCNDKKFNGTGPCTNVSTVQCTHGIR
PVVSTQLLLNGSLAEEEIVIRSENFTNNAKTIIVQLNESVVINCTRPNNGGSGSGGDIRQAHCNLSKTQWENTLEQIAIK
LKEQFGNNKTIIFNPSSGGDPEIVTHSFNCGGEFFYCNSTQLFTWNDTRKLNNTGRNITLPCRIKQIINMWQEVGKAMYA
PPIRGQIRCSSNITGLLLTRDGGKDTNGTEIFRPGGGDMRDNWRSELYKYKVVKIE
;
A
2 'polypeptide(L)'
;IQMTQSPSFVSASVGDRVTITCRASQGI(OAS)SYLAWYQQKPGKAPKLVIYAASTLQSGVPSRFSGSGSGTEFTLTISS
LQPEDFATYYCQHLIGLRSFGQGTKLEIKRTVAAPSVFIFPPSDEQLKSGTASVVCLLNNFYPREAKVQWKVDNALQSGN
SQESVTEQDSKDSTYSLSSTLTLSKADYEKHKVYACEVTHQGLSSPVTKSFNR
;
L
3 'polypeptide(L)'
;VQLQQWGAGLLKPSETLSLTCGVYGESLSGHYWSWVRQPPGKRLEWIGEIKHNGSPNYHPSLKSRVTISLDMSKNQFSLN
LTSVTAADTAVYFCARRSNWPYLPFDPWGQGTLVTVSSASTKGPSVFPLAPSSKSTSGGTAALGCLVKDYFPEPVTVSWN
SGALTSGVHTFPAVLQSSGLYSLSSVVTVPSSSLGTQTYICNVNHKPSNTKVDKKVEPK
;
H
4 'polypeptide(L)' (MPT)NLHFCQLRCKSLGLLGRCA(DPR)T(U2X)CACV(NH2) R
#
loop_
_chem_comp.id
_chem_comp.type
_chem_comp.name
_chem_comp.formula
BU3 non-polymer (R,R)-2,3-BUTANEDIOL 'C4 H10 O2'
MPT non-polymer 'BETA-MERCAPTOPROPIONIC ACID' 'C3 H6 O2 S'
NAG D-saccharide, beta linking 2-acetamido-2-deoxy-beta-D-glucopyranose 'C8 H15 N O6'
NH2 non-polymer 'AMINO GROUP' 'H2 N'
SO4 non-polymer 'SULFATE ION' 'O4 S -2'
#
# COMPACT_ATOMS: atom_id res chain seq x y z
N TRP A 26 -24.80 -26.14 8.54
CA TRP A 26 -23.46 -25.59 8.35
C TRP A 26 -22.71 -25.48 9.67
N LYS A 27 -21.95 -26.53 10.01
CA LYS A 27 -21.19 -26.57 11.26
C LYS A 27 -20.05 -25.53 11.31
N GLU A 28 -19.61 -25.20 12.52
CA GLU A 28 -18.49 -24.27 12.72
C GLU A 28 -17.18 -24.89 12.22
N ALA A 29 -16.40 -24.11 11.48
CA ALA A 29 -15.12 -24.58 10.96
C ALA A 29 -14.01 -23.62 11.36
N THR A 30 -12.77 -23.97 11.01
CA THR A 30 -11.62 -23.14 11.35
C THR A 30 -10.66 -22.95 10.19
N THR A 31 -10.31 -21.69 9.96
CA THR A 31 -9.40 -21.33 8.88
C THR A 31 -8.84 -19.92 9.11
N THR A 32 -7.71 -19.62 8.50
CA THR A 32 -7.09 -18.31 8.65
C THR A 32 -7.97 -17.21 8.09
N LEU A 33 -8.09 -16.12 8.84
CA LEU A 33 -8.97 -15.03 8.44
C LEU A 33 -8.22 -13.82 7.89
N PHE A 34 -8.95 -13.04 7.07
CA PHE A 34 -8.46 -11.75 6.60
C PHE A 34 -8.96 -10.65 7.53
N CYS A 35 -8.04 -10.03 8.25
CA CYS A 35 -8.37 -8.89 9.09
C CYS A 35 -8.75 -7.69 8.22
N ALA A 36 -9.26 -6.62 8.84
CA ALA A 36 -9.69 -5.45 8.08
C ALA A 36 -9.51 -4.13 8.86
N SER A 37 -9.25 -3.04 8.12
CA SER A 37 -9.06 -1.71 8.71
C SER A 37 -9.11 -0.62 7.64
N ASP A 38 -9.77 0.49 7.95
CA ASP A 38 -9.81 1.61 7.02
C ASP A 38 -8.58 2.48 7.24
N ALA A 39 -7.65 1.95 8.02
CA ALA A 39 -6.44 2.68 8.43
C ALA A 39 -5.76 3.36 7.27
N LYS A 40 -5.33 4.59 7.52
CA LYS A 40 -4.69 5.42 6.50
C LYS A 40 -3.21 5.06 6.38
N ALA A 41 -2.70 5.05 5.15
CA ALA A 41 -1.33 4.64 4.89
C ALA A 41 -0.29 5.63 5.43
N TYR A 42 -0.69 6.89 5.58
CA TYR A 42 0.25 7.97 5.91
C TYR A 42 0.43 8.23 7.40
N ASP A 43 -0.56 7.81 8.19
CA ASP A 43 -0.52 8.01 9.64
C ASP A 43 0.61 7.16 10.24
N THR A 44 1.62 7.83 10.77
CA THR A 44 2.83 7.14 11.24
C THR A 44 2.59 6.35 12.51
N GLU A 45 1.36 6.42 13.02
CA GLU A 45 0.98 5.68 14.21
C GLU A 45 1.01 4.18 13.91
N VAL A 46 1.48 3.38 14.87
CA VAL A 46 1.80 1.98 14.62
C VAL A 46 0.60 1.13 14.20
N HIS A 47 -0.56 1.36 14.82
CA HIS A 47 -1.77 0.64 14.45
C HIS A 47 -2.11 0.86 12.97
N ASN A 48 -2.04 2.11 12.53
CA ASN A 48 -2.28 2.44 11.12
C ASN A 48 -1.20 1.85 10.22
N VAL A 49 0.03 1.90 10.72
CA VAL A 49 1.15 1.38 9.99
C VAL A 49 1.05 -0.14 9.87
N TRP A 50 0.71 -0.79 10.97
CA TRP A 50 0.60 -2.24 10.97
C TRP A 50 -0.60 -2.69 10.14
N ALA A 51 -1.72 -1.97 10.28
CA ALA A 51 -2.98 -2.36 9.64
C ALA A 51 -2.92 -2.23 8.13
N THR A 52 -2.08 -1.31 7.66
CA THR A 52 -1.94 -1.09 6.24
C THR A 52 -1.19 -2.25 5.60
N HIS A 53 -0.19 -2.77 6.31
CA HIS A 53 0.69 -3.81 5.78
C HIS A 53 0.20 -5.23 6.06
N ALA A 54 -0.75 -5.34 6.97
CA ALA A 54 -1.22 -6.64 7.42
C ALA A 54 -2.70 -6.85 7.08
N CYS A 55 -3.43 -5.74 6.95
CA CYS A 55 -4.88 -5.79 6.72
C CYS A 55 -5.32 -5.23 5.38
N VAL A 56 -6.57 -5.53 5.02
CA VAL A 56 -7.15 -5.08 3.76
C VAL A 56 -8.14 -3.92 4.01
N PRO A 57 -8.31 -3.03 3.01
CA PRO A 57 -9.13 -1.80 3.05
C PRO A 57 -10.59 -2.00 3.49
N THR A 58 -11.33 -2.82 2.74
CA THR A 58 -12.74 -3.10 3.04
C THR A 58 -13.64 -1.86 2.95
N ASP A 59 -14.95 -2.10 2.81
CA ASP A 59 -15.47 -3.45 2.78
C ASP A 59 -15.49 -3.99 1.35
N PRO A 60 -16.09 -3.23 0.40
CA PRO A 60 -16.78 -1.93 0.52
C PRO A 60 -18.24 -2.02 0.95
N ASN A 61 -18.77 -3.24 1.14
CA ASN A 61 -20.11 -3.42 1.69
C ASN A 61 -20.24 -4.76 2.39
N PRO A 62 -21.16 -4.84 3.37
CA PRO A 62 -21.47 -6.06 4.14
C PRO A 62 -22.14 -7.18 3.32
N GLN A 63 -23.22 -6.89 2.61
CA GLN A 63 -23.87 -5.59 2.67
C GLN A 63 -25.26 -5.74 3.29
N GLU A 64 -25.65 -6.99 3.51
CA GLU A 64 -26.94 -7.35 4.09
C GLU A 64 -27.08 -8.88 4.04
N VAL A 65 -27.49 -9.49 5.15
CA VAL A 65 -27.74 -10.94 5.15
C VAL A 65 -28.47 -11.44 6.42
N LYS A 66 -29.79 -11.25 6.45
CA LYS A 66 -30.62 -11.78 7.53
C LYS A 66 -31.03 -13.21 7.18
N LEU A 67 -31.13 -14.05 8.21
CA LEU A 67 -31.54 -15.44 7.99
C LEU A 67 -32.86 -15.73 8.71
N GLU A 68 -33.94 -15.72 7.93
CA GLU A 68 -35.31 -15.89 8.44
C GLU A 68 -35.58 -17.28 9.02
N ASN A 69 -36.18 -17.32 10.22
CA ASN A 69 -36.62 -18.57 10.84
C ASN A 69 -35.47 -19.49 11.25
N VAL A 70 -34.27 -18.93 11.36
CA VAL A 70 -33.10 -19.71 11.75
C VAL A 70 -32.78 -19.47 13.23
N THR A 71 -32.64 -20.56 13.98
CA THR A 71 -32.09 -20.51 15.32
C THR A 71 -30.75 -21.24 15.40
N GLU A 72 -29.76 -20.61 16.02
CA GLU A 72 -28.40 -21.15 16.09
C GLU A 72 -27.82 -21.07 17.50
N ASN A 73 -27.17 -22.14 17.95
CA ASN A 73 -26.44 -22.12 19.21
C ASN A 73 -25.07 -21.41 19.05
N PHE A 74 -24.71 -20.60 20.04
CA PHE A 74 -23.40 -19.95 20.07
C PHE A 74 -22.60 -20.28 21.31
N ASN A 75 -21.28 -20.08 21.22
CA ASN A 75 -20.41 -20.18 22.37
C ASN A 75 -19.21 -19.26 22.27
N MET A 76 -19.33 -18.08 22.86
CA MET A 76 -18.30 -17.05 22.77
C MET A 76 -17.03 -17.53 23.43
N TRP A 77 -17.17 -18.54 24.27
CA TRP A 77 -16.08 -19.07 25.07
C TRP A 77 -15.28 -20.13 24.35
N LYS A 78 -15.81 -20.58 23.23
CA LYS A 78 -15.14 -21.59 22.42
C LYS A 78 -15.24 -21.09 20.97
N ASN A 79 -14.36 -20.16 20.66
CA ASN A 79 -14.39 -19.44 19.39
C ASN A 79 -12.97 -19.27 18.88
N ASN A 80 -12.63 -19.98 17.82
CA ASN A 80 -11.29 -19.91 17.30
C ASN A 80 -10.89 -18.52 16.84
N MET A 81 -11.90 -17.71 16.57
CA MET A 81 -11.67 -16.31 16.24
C MET A 81 -10.93 -15.51 17.30
N VAL A 82 -11.24 -15.79 18.57
CA VAL A 82 -10.62 -15.08 19.67
C VAL A 82 -9.12 -15.37 19.74
N GLU A 83 -8.78 -16.65 19.59
CA GLU A 83 -7.39 -17.08 19.66
C GLU A 83 -6.60 -16.50 18.50
N GLN A 84 -7.23 -16.51 17.34
CA GLN A 84 -6.62 -15.99 16.13
C GLN A 84 -6.40 -14.48 16.25
N MET A 85 -7.40 -13.77 16.74
CA MET A 85 -7.30 -12.33 16.96
C MET A 85 -6.16 -11.99 17.89
N HIS A 86 -6.06 -12.80 18.94
CA HIS A 86 -5.05 -12.66 19.97
C HIS A 86 -3.68 -12.67 19.27
N GLU A 87 -3.47 -13.61 18.35
CA GLU A 87 -2.20 -13.66 17.63
C GLU A 87 -1.95 -12.38 16.83
N ASP A 88 -2.98 -11.79 16.22
CA ASP A 88 -2.80 -10.55 15.47
C ASP A 88 -2.36 -9.40 16.36
N ILE A 89 -2.97 -9.28 17.54
CA ILE A 89 -2.62 -8.17 18.42
C ILE A 89 -1.25 -8.36 19.06
N ILE A 90 -0.91 -9.61 19.35
CA ILE A 90 0.45 -9.96 19.78
C ILE A 90 1.51 -9.54 18.77
N SER A 91 1.28 -9.87 17.50
CA SER A 91 2.23 -9.53 16.44
C SER A 91 2.35 -8.01 16.31
N LEU A 92 1.22 -7.31 16.40
CA LEU A 92 1.20 -5.86 16.33
C LEU A 92 2.09 -5.25 17.40
N TRP A 93 1.93 -5.68 18.65
CA TRP A 93 2.72 -5.07 19.70
C TRP A 93 4.18 -5.41 19.53
N ASP A 94 4.45 -6.64 19.14
CA ASP A 94 5.80 -7.09 19.02
C ASP A 94 6.53 -6.30 17.94
N GLN A 95 5.81 -5.99 16.86
CA GLN A 95 6.40 -5.22 15.78
C GLN A 95 6.46 -3.73 16.11
N SER A 96 5.59 -3.26 17.01
CA SER A 96 5.35 -1.82 17.14
C SER A 96 5.99 -1.24 18.41
N LEU A 97 5.83 -1.91 19.54
CA LEU A 97 6.36 -1.37 20.78
C LEU A 97 7.50 -2.26 21.24
N LYS A 98 8.70 -1.90 20.79
CA LYS A 98 9.89 -2.69 21.05
C LYS A 98 10.53 -2.26 22.35
N PRO A 99 10.67 -3.20 23.30
CA PRO A 99 11.40 -2.95 24.54
C PRO A 99 12.91 -2.98 24.34
N CYS A 100 13.63 -2.30 25.21
CA CYS A 100 15.08 -2.28 25.10
C CYS A 100 15.64 -3.62 25.50
N VAL A 101 14.98 -4.24 26.48
CA VAL A 101 15.38 -5.55 26.96
C VAL A 101 14.18 -6.43 27.28
N LYS A 102 14.29 -7.71 26.94
CA LYS A 102 13.21 -8.65 27.22
C LYS A 102 13.75 -9.96 27.77
N LEU A 103 13.16 -10.49 28.83
CA LEU A 103 13.63 -11.74 29.39
C LEU A 103 12.52 -12.80 29.39
N THR A 104 12.73 -13.86 28.63
CA THR A 104 11.83 -15.02 28.58
C THR A 104 12.59 -16.35 28.58
N GLY A 105 12.19 -17.26 29.47
CA GLY A 105 12.79 -18.57 29.49
C GLY A 105 14.30 -18.58 29.49
N GLY A 106 14.90 -17.74 30.34
CA GLY A 106 16.34 -17.73 30.51
C GLY A 106 17.08 -17.09 29.36
N SER A 107 16.32 -16.69 28.35
CA SER A 107 16.88 -16.08 27.15
C SER A 107 16.64 -14.58 27.15
N VAL A 108 17.69 -13.83 26.84
CA VAL A 108 17.63 -12.37 26.89
C VAL A 108 17.67 -11.72 25.51
N ILE A 109 16.75 -10.81 25.25
CA ILE A 109 16.79 -10.06 24.00
C ILE A 109 16.87 -8.57 24.25
N THR A 110 17.75 -7.93 23.49
CA THR A 110 17.88 -6.50 23.48
C THR A 110 17.79 -5.98 22.04
N GLN A 111 17.21 -4.81 21.87
CA GLN A 111 17.01 -4.24 20.53
C GLN A 111 16.78 -2.72 20.67
N ALA A 112 16.77 -2.00 19.57
CA ALA A 112 16.42 -0.58 19.61
C ALA A 112 14.99 -0.38 20.12
N CYS A 113 14.77 0.68 20.91
CA CYS A 113 13.44 0.85 21.51
C CYS A 113 12.96 2.29 21.41
N PRO A 114 12.74 2.76 20.18
CA PRO A 114 12.27 4.12 19.92
C PRO A 114 10.86 4.31 20.46
N LYS A 115 10.51 5.52 20.88
CA LYS A 115 9.13 5.84 21.23
C LYS A 115 8.27 5.91 19.97
N VAL A 116 7.01 5.54 20.09
CA VAL A 116 6.11 5.52 18.95
C VAL A 116 4.81 6.23 19.24
N SER A 117 4.02 6.47 18.20
CA SER A 117 2.66 6.96 18.37
C SER A 117 1.71 5.79 18.43
N PHE A 118 0.84 5.78 19.43
CA PHE A 118 0.07 4.60 19.72
C PHE A 118 -1.35 4.97 20.11
N GLU A 119 -2.28 4.53 19.28
CA GLU A 119 -3.70 4.77 19.48
C GLU A 119 -4.54 3.82 18.67
N PRO A 120 -5.12 2.83 19.36
CA PRO A 120 -5.92 1.75 18.78
C PRO A 120 -6.97 2.21 17.77
N ILE A 121 -6.71 1.87 16.52
CA ILE A 121 -7.68 2.04 15.44
C ILE A 121 -8.64 0.87 15.45
N PRO A 122 -9.85 1.06 14.90
CA PRO A 122 -10.79 -0.05 14.75
C PRO A 122 -10.26 -1.13 13.81
N ILE A 123 -10.43 -2.41 14.20
CA ILE A 123 -10.04 -3.55 13.36
C ILE A 123 -11.20 -4.52 13.12
N HIS A 124 -11.36 -4.90 11.85
CA HIS A 124 -12.38 -5.86 11.45
C HIS A 124 -11.74 -7.21 11.17
N TYR A 125 -12.57 -8.26 11.09
CA TYR A 125 -12.06 -9.60 10.81
C TYR A 125 -12.89 -10.32 9.76
N CYS A 126 -12.29 -10.49 8.59
CA CYS A 126 -12.98 -11.01 7.41
C CYS A 126 -12.70 -12.48 7.15
N ALA A 127 -13.77 -13.24 6.91
CA ALA A 127 -13.69 -14.65 6.54
C ALA A 127 -13.25 -14.83 5.09
N PRO A 128 -12.42 -15.85 4.81
CA PRO A 128 -11.95 -16.12 3.45
C PRO A 128 -13.04 -16.70 2.53
N ALA A 129 -12.62 -17.25 1.38
CA ALA A 129 -13.52 -17.79 0.36
C ALA A 129 -14.27 -19.04 0.83
N GLY A 130 -15.50 -19.21 0.35
CA GLY A 130 -16.30 -20.36 0.72
C GLY A 130 -16.81 -20.36 2.16
N PHE A 131 -16.34 -19.41 2.97
CA PHE A 131 -16.81 -19.28 4.35
C PHE A 131 -17.68 -18.03 4.53
N ALA A 132 -18.29 -17.89 5.71
CA ALA A 132 -19.16 -16.76 6.02
C ALA A 132 -19.31 -16.60 7.54
N ILE A 133 -19.50 -15.38 7.99
CA ILE A 133 -19.58 -15.10 9.43
C ILE A 133 -21.02 -14.94 9.93
N LEU A 134 -21.28 -15.43 11.14
CA LEU A 134 -22.60 -15.36 11.75
C LEU A 134 -22.63 -14.38 12.91
N LYS A 135 -23.74 -13.66 13.06
CA LYS A 135 -23.89 -12.65 14.09
C LYS A 135 -25.14 -12.90 14.94
N CYS A 136 -24.98 -12.88 16.26
CA CYS A 136 -26.13 -13.03 17.15
C CYS A 136 -26.70 -11.64 17.48
N ASN A 137 -27.98 -11.46 17.16
CA ASN A 137 -28.66 -10.20 17.37
C ASN A 137 -29.68 -10.21 18.52
N ASP A 138 -29.74 -11.31 19.25
CA ASP A 138 -30.66 -11.41 20.38
C ASP A 138 -30.37 -10.32 21.39
N LYS A 139 -31.42 -9.76 21.97
CA LYS A 139 -31.29 -8.58 22.80
C LYS A 139 -30.62 -8.92 24.13
N LYS A 140 -31.01 -10.04 24.69
CA LYS A 140 -30.54 -10.42 26.03
C LYS A 140 -29.29 -11.29 25.96
N PHE A 141 -28.76 -11.49 24.76
CA PHE A 141 -27.86 -12.63 24.50
C PHE A 141 -26.68 -12.71 25.48
N ASN A 142 -26.63 -13.83 26.21
CA ASN A 142 -25.62 -14.09 27.24
C ASN A 142 -24.31 -14.76 26.81
N GLY A 143 -24.19 -15.07 25.52
CA GLY A 143 -22.94 -15.56 24.95
C GLY A 143 -22.84 -17.05 24.75
N THR A 144 -23.77 -17.79 25.34
CA THR A 144 -23.79 -19.23 25.20
C THR A 144 -25.21 -19.71 24.89
N GLY A 145 -25.33 -20.80 24.13
CA GLY A 145 -26.64 -21.38 23.90
C GLY A 145 -27.29 -20.82 22.65
N PRO A 146 -28.60 -21.04 22.51
CA PRO A 146 -29.33 -20.76 21.26
C PRO A 146 -29.57 -19.26 21.02
N CYS A 147 -29.41 -18.83 19.78
CA CYS A 147 -29.77 -17.48 19.37
C CYS A 147 -30.92 -17.51 18.38
N THR A 148 -31.94 -16.70 18.62
CA THR A 148 -33.16 -16.70 17.80
C THR A 148 -33.22 -15.58 16.77
N ASN A 149 -32.29 -14.63 16.87
CA ASN A 149 -32.25 -13.53 15.92
C ASN A 149 -30.88 -13.52 15.26
N VAL A 150 -30.61 -14.59 14.52
CA VAL A 150 -29.34 -14.78 13.83
C VAL A 150 -29.29 -14.06 12.48
N SER A 151 -28.10 -13.61 12.09
CA SER A 151 -27.89 -12.97 10.80
C SER A 151 -26.44 -13.19 10.33
N THR A 152 -26.26 -13.25 9.02
CA THR A 152 -24.93 -13.43 8.43
C THR A 152 -24.32 -12.09 8.03
N VAL A 153 -23.05 -12.13 7.61
CA VAL A 153 -22.34 -10.96 7.11
C VAL A 153 -21.09 -11.38 6.37
N GLN A 154 -20.02 -10.61 6.57
CA GLN A 154 -18.72 -10.95 6.01
C GLN A 154 -17.59 -10.52 6.93
N CYS A 155 -17.83 -9.52 7.76
CA CYS A 155 -16.83 -9.05 8.73
C CYS A 155 -17.48 -8.48 9.99
N THR A 156 -16.81 -8.63 11.13
CA THR A 156 -17.25 -8.05 12.38
C THR A 156 -16.95 -6.57 12.39
N HIS A 157 -17.73 -5.75 13.08
CA HIS A 157 -17.44 -4.32 13.02
C HIS A 157 -16.19 -4.00 13.81
N GLY A 158 -15.56 -2.87 13.45
CA GLY A 158 -14.25 -2.47 13.93
C GLY A 158 -14.03 -2.56 15.41
N ILE A 159 -13.08 -3.40 15.78
CA ILE A 159 -12.68 -3.58 17.17
C ILE A 159 -11.37 -2.87 17.45
N ARG A 160 -11.37 -1.97 18.41
CA ARG A 160 -10.12 -1.34 18.82
C ARG A 160 -9.39 -2.30 19.72
N PRO A 161 -8.13 -2.62 19.36
CA PRO A 161 -7.40 -3.65 20.10
C PRO A 161 -6.78 -3.10 21.37
N VAL A 162 -7.65 -2.73 22.32
CA VAL A 162 -7.21 -2.09 23.56
C VAL A 162 -6.73 -3.15 24.55
N VAL A 163 -5.48 -3.01 24.98
CA VAL A 163 -4.91 -3.91 25.96
C VAL A 163 -5.05 -3.31 27.36
N SER A 164 -5.79 -3.99 28.22
CA SER A 164 -6.03 -3.47 29.55
C SER A 164 -6.47 -4.55 30.53
N THR A 165 -6.41 -4.25 31.83
CA THR A 165 -6.99 -5.13 32.84
C THR A 165 -8.09 -4.40 33.62
N GLN A 166 -9.00 -5.17 34.23
CA GLN A 166 -10.07 -4.66 35.08
C GLN A 166 -11.19 -3.93 34.32
N LEU A 167 -10.85 -2.87 33.59
CA LEU A 167 -11.83 -2.08 32.82
C LEU A 167 -11.68 -2.32 31.33
N LEU A 168 -12.81 -2.44 30.65
CA LEU A 168 -12.80 -2.51 29.19
C LEU A 168 -12.99 -1.13 28.58
N LEU A 169 -12.11 -0.77 27.64
CA LEU A 169 -12.08 0.60 27.13
C LEU A 169 -12.39 0.61 25.64
N ASN A 170 -13.13 1.65 25.22
CA ASN A 170 -13.42 1.90 23.81
C ASN A 170 -14.11 0.72 23.14
N GLY A 171 -14.93 0.00 23.88
CA GLY A 171 -15.62 -1.12 23.29
C GLY A 171 -16.99 -0.77 22.82
N SER A 172 -17.80 -1.80 22.55
CA SER A 172 -19.16 -1.62 22.10
C SER A 172 -20.11 -1.76 23.28
N LEU A 173 -21.15 -0.94 23.32
CA LEU A 173 -22.09 -0.97 24.44
C LEU A 173 -23.25 -1.94 24.21
N ALA A 174 -23.79 -2.49 25.29
CA ALA A 174 -25.03 -3.25 25.23
C ALA A 174 -26.17 -2.36 24.76
N GLU A 175 -27.03 -2.93 23.92
CA GLU A 175 -28.09 -2.15 23.26
C GLU A 175 -29.24 -1.78 24.20
N GLU A 176 -29.56 -2.66 25.13
CA GLU A 176 -30.65 -2.45 26.08
C GLU A 176 -30.12 -2.19 27.48
N GLU A 177 -30.10 -3.25 28.28
CA GLU A 177 -29.69 -3.17 29.68
C GLU A 177 -28.23 -3.58 29.78
N ILE A 178 -27.65 -3.37 30.95
CA ILE A 178 -26.31 -3.88 31.21
C ILE A 178 -26.37 -5.39 31.04
N VAL A 179 -25.32 -5.96 30.45
CA VAL A 179 -25.21 -7.41 30.33
C VAL A 179 -23.92 -7.99 30.93
N ILE A 180 -24.08 -9.08 31.67
CA ILE A 180 -22.98 -9.86 32.24
C ILE A 180 -22.93 -11.25 31.61
N ARG A 181 -21.74 -11.75 31.34
CA ARG A 181 -21.57 -13.05 30.69
C ARG A 181 -20.49 -13.91 31.35
N SER A 182 -20.75 -15.20 31.46
CA SER A 182 -19.73 -16.10 32.00
C SER A 182 -19.81 -17.48 31.35
N GLU A 183 -18.65 -18.14 31.24
CA GLU A 183 -18.55 -19.51 30.75
C GLU A 183 -19.28 -20.44 31.71
N ASN A 184 -19.32 -20.01 32.97
CA ASN A 184 -19.98 -20.75 34.03
C ASN A 184 -20.11 -19.83 35.24
N PHE A 185 -21.29 -19.25 35.40
CA PHE A 185 -21.48 -18.31 36.50
C PHE A 185 -21.25 -19.00 37.84
N THR A 186 -21.54 -20.30 37.88
CA THR A 186 -21.45 -21.08 39.11
C THR A 186 -19.99 -21.46 39.40
N ASN A 187 -19.12 -21.28 38.41
CA ASN A 187 -17.69 -21.53 38.58
C ASN A 187 -16.93 -20.24 38.92
N ASN A 188 -16.50 -20.12 40.18
CA ASN A 188 -15.87 -18.90 40.65
C ASN A 188 -14.52 -18.67 39.96
N ALA A 189 -14.04 -19.69 39.27
CA ALA A 189 -12.79 -19.59 38.53
C ALA A 189 -13.00 -18.96 37.15
N LYS A 190 -14.26 -18.84 36.74
CA LYS A 190 -14.55 -18.29 35.42
C LYS A 190 -14.77 -16.81 35.49
N THR A 191 -14.15 -16.09 34.56
CA THR A 191 -14.22 -14.64 34.53
C THR A 191 -15.61 -14.22 34.15
N ILE A 192 -16.09 -13.17 34.80
CA ILE A 192 -17.38 -12.58 34.46
C ILE A 192 -17.16 -11.33 33.63
N ILE A 193 -17.74 -11.30 32.43
CA ILE A 193 -17.60 -10.13 31.58
C ILE A 193 -18.81 -9.24 31.64
N VAL A 194 -18.63 -8.04 32.17
CA VAL A 194 -19.73 -7.12 32.27
C VAL A 194 -19.67 -6.19 31.08
N GLN A 195 -20.79 -6.07 30.38
CA GLN A 195 -20.92 -5.14 29.28
C GLN A 195 -21.89 -4.02 29.65
N LEU A 196 -21.37 -2.80 29.74
CA LEU A 196 -22.23 -1.69 30.07
C LEU A 196 -23.04 -1.30 28.85
N ASN A 197 -24.17 -0.67 29.09
CA ASN A 197 -24.96 -0.11 28.01
C ASN A 197 -24.81 1.39 27.97
N GLU A 198 -24.09 1.94 28.94
CA GLU A 198 -23.79 3.37 28.97
C GLU A 198 -22.33 3.62 29.38
N SER A 199 -21.63 4.39 28.55
CA SER A 199 -20.23 4.76 28.77
C SER A 199 -19.99 5.66 29.97
N VAL A 200 -18.87 5.43 30.66
CA VAL A 200 -18.37 6.33 31.68
C VAL A 200 -17.01 6.88 31.22
N VAL A 201 -16.92 8.18 30.99
CA VAL A 201 -15.67 8.76 30.51
C VAL A 201 -14.60 8.81 31.60
N ILE A 202 -13.39 8.40 31.25
CA ILE A 202 -12.24 8.48 32.15
C ILE A 202 -11.04 9.22 31.55
N ASN A 203 -10.54 10.23 32.28
CA ASN A 203 -9.42 11.05 31.82
C ASN A 203 -8.14 10.77 32.59
N CYS A 204 -7.12 10.33 31.85
CA CYS A 204 -5.83 9.98 32.44
C CYS A 204 -4.73 10.88 31.92
N THR A 205 -3.93 11.38 32.85
CA THR A 205 -2.92 12.38 32.51
C THR A 205 -1.61 12.22 33.26
N ARG A 206 -0.53 12.31 32.50
CA ARG A 206 0.77 12.64 33.06
C ARG A 206 1.00 14.10 32.77
N PRO A 207 0.92 14.95 33.80
CA PRO A 207 0.95 16.38 33.51
C PRO A 207 2.28 16.83 32.93
N ASN A 208 2.28 17.97 32.25
CA ASN A 208 3.49 18.55 31.70
C ASN A 208 4.48 18.90 32.81
N ASN A 209 5.76 18.63 32.58
CA ASN A 209 6.79 18.86 33.59
C ASN A 209 6.55 18.01 34.84
N ASP A 217 7.81 14.84 39.09
CA ASP A 217 7.96 13.40 38.90
C ASP A 217 7.34 13.00 37.55
N ILE A 218 8.19 12.73 36.57
CA ILE A 218 7.73 12.45 35.21
C ILE A 218 6.96 11.13 35.06
N ARG A 219 7.00 10.26 36.07
CA ARG A 219 6.35 8.95 35.96
C ARG A 219 5.06 8.89 36.75
N GLN A 220 4.74 9.98 37.43
CA GLN A 220 3.51 10.07 38.19
C GLN A 220 2.32 10.54 37.35
N ALA A 221 1.20 9.83 37.45
CA ALA A 221 0.00 10.19 36.71
C ALA A 221 -1.27 9.95 37.52
N HIS A 222 -2.42 10.28 36.94
CA HIS A 222 -3.71 10.09 37.61
C HIS A 222 -4.88 10.04 36.61
N CYS A 223 -6.00 9.45 37.05
CA CYS A 223 -7.21 9.43 36.24
C CYS A 223 -8.38 10.07 36.96
N ASN A 224 -9.19 10.81 36.22
CA ASN A 224 -10.39 11.39 36.80
C ASN A 224 -11.65 10.89 36.10
N LEU A 225 -12.68 10.63 36.88
CA LEU A 225 -14.00 10.28 36.37
C LEU A 225 -15.07 10.71 37.36
N SER A 226 -16.31 10.83 36.88
CA SER A 226 -17.41 11.27 37.72
C SER A 226 -17.68 10.22 38.79
N LYS A 227 -17.65 10.64 40.04
CA LYS A 227 -17.92 9.78 41.18
C LYS A 227 -19.35 9.24 41.10
N THR A 228 -20.30 10.15 40.85
CA THR A 228 -21.73 9.83 40.79
C THR A 228 -22.06 8.89 39.62
N GLN A 229 -21.44 9.13 38.47
CA GLN A 229 -21.64 8.27 37.31
C GLN A 229 -21.20 6.83 37.59
N TRP A 230 -20.05 6.69 38.25
CA TRP A 230 -19.49 5.38 38.57
C TRP A 230 -20.33 4.66 39.60
N GLU A 231 -20.80 5.39 40.60
CA GLU A 231 -21.64 4.82 41.65
C GLU A 231 -22.90 4.25 41.02
N ASN A 232 -23.49 5.01 40.09
CA ASN A 232 -24.67 4.57 39.37
C ASN A 232 -24.40 3.33 38.53
N THR A 233 -23.20 3.28 37.94
CA THR A 233 -22.76 2.14 37.16
C THR A 233 -22.68 0.89 38.03
N LEU A 234 -22.00 1.03 39.17
CA LEU A 234 -21.85 -0.07 40.12
C LEU A 234 -23.20 -0.55 40.59
N GLU A 235 -24.08 0.41 40.87
CA GLU A 235 -25.44 0.12 41.30
C GLU A 235 -26.19 -0.73 40.28
N GLN A 236 -26.07 -0.35 39.00
CA GLN A 236 -26.80 -1.04 37.96
C GLN A 236 -26.21 -2.41 37.66
N ILE A 237 -24.89 -2.51 37.78
CA ILE A 237 -24.22 -3.80 37.67
C ILE A 237 -24.63 -4.71 38.83
N ALA A 238 -24.65 -4.12 40.01
CA ALA A 238 -25.02 -4.82 41.24
C ALA A 238 -26.44 -5.36 41.11
N ILE A 239 -27.31 -4.59 40.46
CA ILE A 239 -28.69 -5.00 40.25
C ILE A 239 -28.77 -6.26 39.40
N LYS A 240 -27.97 -6.28 38.33
CA LYS A 240 -27.92 -7.43 37.44
C LYS A 240 -27.27 -8.62 38.15
N LEU A 241 -26.36 -8.31 39.07
CA LEU A 241 -25.71 -9.32 39.87
C LEU A 241 -26.67 -10.00 40.84
N LYS A 242 -27.54 -9.21 41.46
CA LYS A 242 -28.55 -9.78 42.36
C LYS A 242 -29.51 -10.69 41.60
N GLU A 243 -29.85 -10.28 40.38
CA GLU A 243 -30.71 -11.05 39.50
C GLU A 243 -30.17 -12.45 39.15
N GLN A 244 -28.84 -12.55 39.01
CA GLN A 244 -28.20 -13.82 38.68
C GLN A 244 -27.97 -14.74 39.88
N PHE A 245 -27.56 -14.19 41.02
CA PHE A 245 -27.12 -15.01 42.15
C PHE A 245 -28.10 -15.13 43.31
N GLY A 246 -29.18 -14.34 43.29
CA GLY A 246 -30.17 -14.41 44.35
C GLY A 246 -30.46 -13.05 44.99
N ASN A 247 -31.73 -12.69 45.08
CA ASN A 247 -32.11 -11.39 45.65
C ASN A 247 -31.89 -11.36 47.16
N ASN A 248 -31.69 -12.53 47.75
CA ASN A 248 -31.35 -12.59 49.16
C ASN A 248 -29.87 -12.27 49.37
N LYS A 249 -29.09 -12.28 48.28
CA LYS A 249 -27.65 -12.05 48.37
C LYS A 249 -27.31 -10.58 48.60
N THR A 250 -26.25 -10.35 49.36
CA THR A 250 -25.68 -9.03 49.51
C THR A 250 -24.52 -8.91 48.53
N ILE A 251 -24.47 -7.84 47.73
CA ILE A 251 -23.40 -7.68 46.74
C ILE A 251 -22.27 -6.81 47.29
N ILE A 252 -21.05 -7.29 47.19
CA ILE A 252 -19.88 -6.54 47.64
C ILE A 252 -18.82 -6.46 46.54
N PHE A 253 -18.22 -5.28 46.36
CA PHE A 253 -17.01 -5.16 45.56
C PHE A 253 -15.80 -5.01 46.47
N ASN A 254 -14.74 -5.75 46.18
CA ASN A 254 -13.50 -5.62 46.93
C ASN A 254 -12.29 -5.48 46.00
N PRO A 255 -11.19 -4.93 46.52
CA PRO A 255 -9.98 -4.78 45.71
C PRO A 255 -9.39 -6.14 45.32
N SER A 256 -8.39 -6.14 44.44
CA SER A 256 -7.69 -7.37 44.09
C SER A 256 -7.18 -8.10 45.33
N SER A 257 -7.19 -9.43 45.28
CA SER A 257 -6.72 -10.23 46.40
C SER A 257 -5.19 -10.27 46.34
N GLY A 258 -4.64 -9.82 45.21
CA GLY A 258 -3.21 -9.74 45.05
C GLY A 258 -2.69 -10.37 43.77
N GLY A 259 -1.38 -10.24 43.55
CA GLY A 259 -0.75 -10.75 42.34
C GLY A 259 0.16 -9.71 41.71
N ASP A 260 0.37 -9.84 40.41
CA ASP A 260 1.17 -8.88 39.67
C ASP A 260 0.49 -7.49 39.68
N PRO A 261 1.30 -6.42 39.66
CA PRO A 261 0.74 -5.05 39.70
C PRO A 261 -0.21 -4.80 38.51
N GLU A 262 0.03 -5.51 37.42
CA GLU A 262 -0.76 -5.39 36.20
C GLU A 262 -2.24 -5.76 36.43
N ILE A 263 -2.50 -6.66 37.37
CA ILE A 263 -3.87 -7.09 37.67
C ILE A 263 -4.40 -6.55 39.00
N VAL A 264 -3.50 -6.07 39.85
CA VAL A 264 -3.93 -5.38 41.06
C VAL A 264 -4.45 -3.98 40.71
N THR A 265 -3.84 -3.36 39.71
CA THR A 265 -4.29 -2.07 39.21
C THR A 265 -5.04 -2.21 37.88
N HIS A 266 -5.76 -1.14 37.52
CA HIS A 266 -6.25 -0.94 36.16
C HIS A 266 -5.10 -0.43 35.29
N SER A 267 -4.59 -1.29 34.40
CA SER A 267 -3.48 -0.91 33.54
C SER A 267 -3.88 -0.77 32.06
N PHE A 268 -3.15 0.07 31.35
CA PHE A 268 -3.43 0.34 29.95
C PHE A 268 -2.25 1.05 29.30
N ASN A 269 -2.26 1.12 27.96
CA ASN A 269 -1.22 1.86 27.28
C ASN A 269 -1.75 3.13 26.71
N CYS A 270 -1.10 4.23 27.11
CA CYS A 270 -1.46 5.53 26.60
C CYS A 270 -0.27 6.22 25.93
N GLY A 271 -0.38 6.44 24.62
CA GLY A 271 0.63 7.19 23.90
C GLY A 271 1.99 6.52 23.84
N GLY A 272 2.01 5.21 24.04
CA GLY A 272 3.25 4.46 24.02
C GLY A 272 3.76 4.26 25.44
N GLU A 273 3.13 4.96 26.37
CA GLU A 273 3.53 4.83 27.78
C GLU A 273 2.61 3.85 28.49
N PHE A 274 3.20 3.09 29.42
CA PHE A 274 2.45 2.08 30.15
C PHE A 274 1.91 2.61 31.48
N PHE A 275 0.60 2.74 31.58
CA PHE A 275 -0.02 3.30 32.79
C PHE A 275 -0.51 2.22 33.75
N TYR A 276 -0.24 2.43 35.03
CA TYR A 276 -0.71 1.51 36.07
C TYR A 276 -1.50 2.26 37.13
N CYS A 277 -2.83 2.12 37.12
CA CYS A 277 -3.65 2.96 37.97
C CYS A 277 -4.33 2.29 39.15
N ASN A 278 -4.14 2.88 40.33
CA ASN A 278 -4.73 2.38 41.57
C ASN A 278 -6.25 2.48 41.54
N SER A 279 -6.93 1.34 41.55
CA SER A 279 -8.37 1.35 41.37
C SER A 279 -9.10 1.06 42.68
N THR A 280 -8.38 1.15 43.80
CA THR A 280 -8.98 0.92 45.11
C THR A 280 -10.25 1.74 45.28
N GLN A 281 -10.18 2.99 44.87
CA GLN A 281 -11.28 3.93 45.04
C GLN A 281 -12.45 3.55 44.14
N LEU A 282 -12.14 2.86 43.05
CA LEU A 282 -13.17 2.40 42.12
C LEU A 282 -13.90 1.16 42.61
N PHE A 283 -13.22 0.36 43.43
CA PHE A 283 -13.71 -0.96 43.80
C PHE A 283 -13.85 -1.15 45.31
N THR A 284 -14.24 -0.08 45.99
CA THR A 284 -14.60 -0.12 47.41
C THR A 284 -16.00 0.46 47.59
N TRP A 285 -16.98 -0.43 47.77
CA TRP A 285 -18.38 -0.03 47.72
C TRP A 285 -19.27 -1.02 48.45
N ASN A 286 -20.28 -0.51 49.14
CA ASN A 286 -21.33 -1.37 49.68
C ASN A 286 -22.68 -0.69 49.57
N ASP A 287 -23.70 -1.43 49.95
CA ASP A 287 -25.06 -0.94 49.86
C ASP A 287 -25.33 0.07 50.98
N THR A 288 -24.85 -0.22 52.18
CA THR A 288 -25.08 0.65 53.32
C THR A 288 -24.12 1.84 53.33
N ASN A 293 -21.31 10.84 47.46
CA ASN A 293 -21.69 12.19 47.83
C ASN A 293 -20.48 13.09 48.00
N THR A 294 -19.38 12.49 48.44
CA THR A 294 -18.14 13.22 48.68
C THR A 294 -17.30 13.34 47.41
N GLY A 295 -17.34 14.51 46.77
CA GLY A 295 -16.50 14.75 45.61
C GLY A 295 -17.18 14.60 44.27
N ARG A 296 -16.95 15.57 43.38
CA ARG A 296 -17.64 15.60 42.09
C ARG A 296 -17.04 14.52 41.21
N ASN A 297 -15.72 14.42 41.24
CA ASN A 297 -14.97 13.48 40.44
C ASN A 297 -14.29 12.47 41.35
N ILE A 298 -14.14 11.25 40.86
CA ILE A 298 -13.21 10.29 41.46
C ILE A 298 -11.83 10.44 40.81
N THR A 299 -10.81 10.64 41.64
CA THR A 299 -9.43 10.70 41.16
C THR A 299 -8.56 9.52 41.57
N LEU A 300 -8.09 8.76 40.59
CA LEU A 300 -7.24 7.60 40.85
C LEU A 300 -5.78 7.98 40.70
N PRO A 301 -4.95 7.65 41.69
CA PRO A 301 -3.52 7.92 41.54
C PRO A 301 -2.87 6.87 40.64
N CYS A 302 -1.99 7.31 39.74
CA CYS A 302 -1.35 6.39 38.80
C CYS A 302 0.16 6.50 38.71
N ARG A 303 0.77 5.47 38.15
CA ARG A 303 2.19 5.45 37.83
C ARG A 303 2.50 4.98 36.40
N ILE A 304 3.46 5.65 35.76
CA ILE A 304 4.03 5.16 34.51
C ILE A 304 5.25 4.29 34.81
N LYS A 305 5.24 3.03 34.36
CA LYS A 305 6.35 2.13 34.65
C LYS A 305 7.18 1.84 33.39
N GLN A 306 8.48 1.65 33.56
CA GLN A 306 9.34 1.26 32.46
C GLN A 306 9.44 -0.26 32.41
N ILE A 307 9.36 -0.86 33.59
CA ILE A 307 9.48 -2.32 33.72
C ILE A 307 8.14 -3.00 33.94
N ILE A 308 7.75 -3.81 32.97
CA ILE A 308 6.43 -4.43 32.97
C ILE A 308 6.49 -5.96 32.83
N ASN A 309 5.53 -6.64 33.44
CA ASN A 309 5.31 -8.05 33.13
C ASN A 309 4.54 -8.07 31.81
N MET A 310 5.00 -8.89 30.89
CA MET A 310 4.43 -8.89 29.56
C MET A 310 3.11 -9.65 29.54
N TRP A 311 2.18 -9.19 28.71
CA TRP A 311 0.91 -9.89 28.52
C TRP A 311 0.98 -10.92 27.40
N GLN A 312 1.93 -10.76 26.48
CA GLN A 312 2.00 -11.62 25.28
C GLN A 312 2.57 -12.99 25.65
N GLU A 313 3.46 -13.00 26.62
CA GLU A 313 4.14 -14.20 27.05
C GLU A 313 4.66 -13.99 28.46
N VAL A 314 5.03 -15.08 29.12
CA VAL A 314 5.59 -14.94 30.45
C VAL A 314 6.99 -14.36 30.36
N GLY A 315 7.15 -13.17 30.95
CA GLY A 315 8.43 -12.50 30.97
C GLY A 315 8.31 -11.04 31.37
N LYS A 316 9.44 -10.35 31.39
CA LYS A 316 9.52 -8.95 31.79
C LYS A 316 10.22 -8.19 30.67
N ALA A 317 9.91 -6.91 30.53
CA ALA A 317 10.53 -6.07 29.49
C ALA A 317 10.84 -4.70 30.11
N MET A 318 11.94 -4.09 29.67
CA MET A 318 12.28 -2.75 30.13
C MET A 318 12.16 -1.84 28.92
N TYR A 319 11.43 -0.77 29.12
CA TYR A 319 11.28 0.25 28.11
C TYR A 319 12.03 1.51 28.49
N ALA A 320 12.11 2.45 27.56
CA ALA A 320 12.83 3.71 27.79
C ALA A 320 11.94 4.64 28.62
N PRO A 321 12.53 5.69 29.20
CA PRO A 321 11.73 6.61 30.01
C PRO A 321 10.61 7.27 29.22
N PRO A 322 9.61 7.81 29.93
CA PRO A 322 8.41 8.38 29.31
C PRO A 322 8.78 9.58 28.43
N ILE A 323 8.01 9.82 27.37
CA ILE A 323 8.16 11.03 26.55
C ILE A 323 7.92 12.31 27.34
N ARG A 324 8.36 13.43 26.77
CA ARG A 324 8.10 14.73 27.37
C ARG A 324 6.72 15.27 26.96
N GLY A 325 6.26 16.30 27.66
CA GLY A 325 5.01 16.93 27.30
C GLY A 325 3.85 16.36 28.09
N GLN A 326 2.66 16.90 27.82
CA GLN A 326 1.43 16.37 28.41
C GLN A 326 1.05 15.04 27.76
N ILE A 327 0.78 14.03 28.60
CA ILE A 327 0.25 12.74 28.16
C ILE A 327 -1.16 12.50 28.67
N ARG A 328 -2.12 12.39 27.76
CA ARG A 328 -3.53 12.31 28.12
C ARG A 328 -4.32 11.38 27.21
N CYS A 329 -5.20 10.58 27.82
CA CYS A 329 -6.17 9.78 27.10
C CYS A 329 -7.57 9.86 27.70
N SER A 330 -8.56 10.09 26.85
CA SER A 330 -9.96 10.07 27.26
C SER A 330 -10.63 8.85 26.65
N SER A 331 -11.10 7.94 27.50
CA SER A 331 -11.62 6.67 27.01
C SER A 331 -13.02 6.35 27.52
N ASN A 332 -13.74 5.54 26.74
CA ASN A 332 -15.00 4.99 27.22
C ASN A 332 -14.83 3.67 27.96
N ILE A 333 -15.29 3.64 29.21
CA ILE A 333 -15.46 2.39 29.90
C ILE A 333 -16.76 1.81 29.34
N THR A 334 -16.66 0.66 28.70
CA THR A 334 -17.83 0.08 28.06
C THR A 334 -18.16 -1.29 28.66
N GLY A 335 -17.27 -1.78 29.51
CA GLY A 335 -17.45 -3.08 30.13
C GLY A 335 -16.50 -3.31 31.29
N LEU A 336 -16.70 -4.42 31.99
CA LEU A 336 -15.81 -4.77 33.08
C LEU A 336 -15.55 -6.28 33.08
N LEU A 337 -14.41 -6.67 33.63
CA LEU A 337 -14.10 -8.07 33.87
C LEU A 337 -13.99 -8.33 35.36
N LEU A 338 -14.82 -9.25 35.83
CA LEU A 338 -14.87 -9.54 37.26
C LEU A 338 -14.63 -11.01 37.52
N THR A 339 -14.11 -11.31 38.70
CA THR A 339 -14.11 -12.68 39.17
C THR A 339 -14.87 -12.70 40.47
N ARG A 340 -15.44 -13.84 40.81
CA ARG A 340 -16.16 -13.92 42.06
C ARG A 340 -15.57 -14.89 43.06
N ASP A 341 -15.46 -14.42 44.30
CA ASP A 341 -14.89 -15.21 45.37
C ASP A 341 -15.78 -16.41 45.55
N GLY A 342 -15.21 -17.57 45.87
CA GLY A 342 -16.04 -18.74 45.98
C GLY A 342 -16.78 -18.67 47.30
N GLY A 343 -17.07 -19.82 47.89
CA GLY A 343 -17.79 -19.82 49.14
C GLY A 343 -19.30 -19.68 48.97
N LYS A 344 -20.05 -19.88 50.06
CA LYS A 344 -19.50 -20.25 51.36
C LYS A 344 -18.55 -19.18 51.95
N ASP A 345 -18.06 -19.41 53.17
CA ASP A 345 -18.47 -20.54 53.98
C ASP A 345 -19.78 -20.22 54.68
N THR A 346 -19.98 -18.93 54.97
CA THR A 346 -21.21 -18.45 55.60
C THR A 346 -22.34 -18.29 54.59
N ASN A 347 -21.98 -17.93 53.36
CA ASN A 347 -22.96 -17.76 52.29
C ASN A 347 -23.93 -16.61 52.53
N GLY A 348 -24.81 -16.38 51.56
CA GLY A 348 -25.71 -15.25 51.57
C GLY A 348 -25.05 -13.99 51.04
N THR A 349 -23.72 -14.02 50.96
CA THR A 349 -22.94 -12.89 50.49
C THR A 349 -22.10 -13.27 49.28
N GLU A 350 -22.03 -12.37 48.30
CA GLU A 350 -21.20 -12.60 47.12
C GLU A 350 -20.17 -11.49 46.97
N ILE A 351 -18.90 -11.86 46.86
CA ILE A 351 -17.85 -10.87 46.77
C ILE A 351 -17.24 -10.84 45.36
N PHE A 352 -17.14 -9.64 44.77
CA PHE A 352 -16.60 -9.49 43.42
C PHE A 352 -15.37 -8.60 43.43
N ARG A 353 -14.37 -8.99 42.64
CA ARG A 353 -13.14 -8.23 42.56
C ARG A 353 -12.79 -7.97 41.10
N PRO A 354 -12.07 -6.87 40.84
CA PRO A 354 -11.64 -6.63 39.46
C PRO A 354 -10.65 -7.70 39.00
N GLY A 355 -10.75 -8.11 37.73
CA GLY A 355 -9.88 -9.14 37.19
C GLY A 355 -9.32 -8.83 35.82
N GLY A 356 -9.23 -9.84 34.97
CA GLY A 356 -8.57 -9.70 33.68
C GLY A 356 -7.14 -10.22 33.68
N GLY A 357 -6.42 -10.00 32.59
CA GLY A 357 -5.08 -10.52 32.43
C GLY A 357 -4.95 -11.27 31.12
N ASP A 358 -5.89 -12.19 30.91
CA ASP A 358 -5.98 -12.92 29.66
C ASP A 358 -6.74 -12.06 28.65
N MET A 359 -6.00 -11.52 27.68
CA MET A 359 -6.59 -10.60 26.72
C MET A 359 -7.60 -11.27 25.80
N ARG A 360 -7.60 -12.60 25.77
CA ARG A 360 -8.61 -13.32 24.99
C ARG A 360 -10.02 -13.00 25.45
N ASP A 361 -10.18 -12.73 26.75
CA ASP A 361 -11.47 -12.32 27.28
C ASP A 361 -11.86 -10.93 26.77
N ASN A 362 -10.88 -10.05 26.56
CA ASN A 362 -11.12 -8.75 25.94
C ASN A 362 -11.66 -8.86 24.52
N TRP A 363 -11.06 -9.74 23.72
CA TRP A 363 -11.47 -9.91 22.32
C TRP A 363 -12.84 -10.58 22.31
N ARG A 364 -13.00 -11.54 23.22
CA ARG A 364 -14.25 -12.29 23.40
C ARG A 364 -15.40 -11.35 23.71
N SER A 365 -15.09 -10.26 24.41
CA SER A 365 -16.09 -9.28 24.81
C SER A 365 -16.69 -8.58 23.60
N GLU A 366 -15.97 -8.63 22.47
CA GLU A 366 -16.48 -8.07 21.22
C GLU A 366 -16.86 -9.15 20.21
N LEU A 367 -16.19 -10.29 20.27
CA LEU A 367 -16.41 -11.34 19.27
C LEU A 367 -17.48 -12.32 19.69
N TYR A 368 -18.03 -12.12 20.89
CA TYR A 368 -18.95 -13.08 21.50
C TYR A 368 -20.18 -13.38 20.63
N LYS A 369 -20.55 -12.41 19.79
CA LYS A 369 -21.74 -12.56 18.96
C LYS A 369 -21.45 -13.22 17.62
N TYR A 370 -20.20 -13.62 17.40
CA TYR A 370 -19.79 -14.10 16.08
C TYR A 370 -19.25 -15.53 16.12
N LYS A 371 -19.44 -16.25 15.02
CA LYS A 371 -18.79 -17.53 14.78
C LYS A 371 -18.56 -17.71 13.29
N VAL A 372 -17.56 -18.52 12.93
CA VAL A 372 -17.27 -18.80 11.53
C VAL A 372 -17.75 -20.19 11.12
N VAL A 373 -18.44 -20.25 9.99
CA VAL A 373 -18.87 -21.53 9.45
C VAL A 373 -18.42 -21.73 8.00
N LYS A 374 -18.27 -23.00 7.62
CA LYS A 374 -17.94 -23.39 6.25
C LYS A 374 -19.20 -23.61 5.41
N ILE A 375 -19.25 -23.01 4.23
CA ILE A 375 -20.40 -23.20 3.35
C ILE A 375 -20.25 -24.54 2.65
N GLU A 376 -21.24 -25.40 2.85
CA GLU A 376 -21.27 -26.72 2.23
C GLU A 376 -22.70 -27.14 1.93
N ILE B 1 9.09 -1.67 2.38
CA ILE B 1 9.05 -2.92 1.62
C ILE B 1 9.53 -2.71 0.19
N GLN B 2 10.26 -3.70 -0.32
CA GLN B 2 10.99 -3.60 -1.59
C GLN B 2 10.64 -4.76 -2.52
N MET B 3 10.35 -4.49 -3.79
CA MET B 3 10.09 -5.56 -4.73
C MET B 3 11.32 -5.76 -5.57
N THR B 4 11.86 -6.96 -5.62
CA THR B 4 13.03 -7.19 -6.45
C THR B 4 12.78 -8.28 -7.47
N GLN B 5 12.96 -7.98 -8.75
CA GLN B 5 12.67 -8.96 -9.77
C GLN B 5 13.93 -9.69 -10.32
N SER B 6 13.76 -10.51 -11.35
CA SER B 6 14.88 -11.13 -12.09
C SER B 6 15.35 -9.97 -13.00
N PRO B 7 16.65 -9.86 -13.31
CA PRO B 7 17.13 -8.50 -13.56
C PRO B 7 16.72 -7.90 -14.91
N SER B 8 15.48 -8.23 -15.31
CA SER B 8 14.83 -7.73 -16.51
C SER B 8 15.65 -7.63 -17.81
N PHE B 9 15.06 -6.91 -18.76
CA PHE B 9 15.51 -6.81 -20.14
C PHE B 9 15.62 -8.22 -20.80
N VAL B 10 15.11 -9.24 -20.10
CA VAL B 10 15.12 -10.64 -20.57
C VAL B 10 14.82 -10.79 -22.07
N SER B 11 15.61 -11.59 -22.79
CA SER B 11 15.27 -11.87 -24.19
C SER B 11 14.85 -13.32 -24.50
N ALA B 12 13.65 -13.52 -25.03
CA ALA B 12 13.17 -14.88 -25.26
C ALA B 12 12.39 -14.99 -26.57
N SER B 13 12.52 -16.15 -27.22
CA SER B 13 11.83 -16.41 -28.48
C SER B 13 10.36 -16.83 -28.29
N VAL B 14 9.54 -16.52 -29.28
CA VAL B 14 8.19 -17.05 -29.36
C VAL B 14 8.18 -18.57 -29.29
N GLY B 15 7.23 -19.12 -28.53
CA GLY B 15 7.14 -20.55 -28.33
C GLY B 15 7.88 -21.02 -27.10
N ASP B 16 8.80 -20.18 -26.62
CA ASP B 16 9.62 -20.50 -25.47
C ASP B 16 8.80 -20.38 -24.20
N ARG B 17 9.20 -21.09 -23.16
CA ARG B 17 8.60 -20.91 -21.84
C ARG B 17 9.42 -19.84 -21.11
N VAL B 18 8.77 -19.00 -20.31
CA VAL B 18 9.53 -18.03 -19.51
C VAL B 18 8.97 -17.81 -18.10
N THR B 19 9.87 -17.69 -17.12
CA THR B 19 9.47 -17.41 -15.75
C THR B 19 10.23 -16.25 -15.11
N ILE B 20 9.51 -15.27 -14.60
CA ILE B 20 10.14 -14.14 -13.92
C ILE B 20 9.72 -14.14 -12.47
N THR B 21 10.62 -13.69 -11.62
CA THR B 21 10.42 -13.80 -10.20
C THR B 21 10.36 -12.43 -9.54
N CYS B 22 9.68 -12.38 -8.40
CA CYS B 22 9.55 -11.20 -7.58
C CYS B 22 9.88 -11.52 -6.14
N ARG B 23 10.82 -10.78 -5.56
CA ARG B 23 11.19 -11.05 -4.18
C ARG B 23 10.90 -9.82 -3.31
N ALA B 24 10.09 -10.04 -2.28
CA ALA B 24 9.74 -9.01 -1.31
C ALA B 24 10.68 -8.97 -0.11
N SER B 25 10.92 -7.78 0.45
CA SER B 25 11.88 -7.60 1.54
C SER B 25 11.32 -8.16 2.85
N GLN B 26 10.00 -8.20 2.96
CA GLN B 26 9.36 -8.92 4.06
C GLN B 26 8.24 -9.80 3.51
N GLY B 27 7.82 -10.77 4.33
CA GLY B 27 6.75 -11.67 3.92
C GLY B 27 5.41 -11.03 3.62
N ILE B 28 4.76 -11.56 2.60
CA ILE B 28 3.43 -11.13 2.19
C ILE B 28 2.59 -12.32 1.79
N OAS B 29 1.37 -12.42 2.30
CA OAS B 29 0.63 -13.61 2.03
CB OAS B 29 -0.09 -14.38 3.17
OG OAS B 29 -0.88 -13.43 3.91
C OAS B 29 -0.38 -13.28 0.93
O OAS B 29 -1.36 -12.57 1.09
C2A OAS B 29 -2.60 -15.12 3.71
C1A OAS B 29 -2.21 -13.73 4.11
OAC OAS B 29 -2.91 -12.89 4.70
N SER B 30 -0.07 -13.81 -0.24
CA SER B 30 -0.84 -13.59 -1.47
C SER B 30 -1.35 -12.16 -1.76
N TYR B 31 -0.71 -11.13 -1.19
CA TYR B 31 -1.14 -9.78 -1.47
C TYR B 31 -0.31 -9.42 -2.68
N LEU B 32 -0.52 -10.12 -3.78
CA LEU B 32 0.33 -9.82 -4.92
C LEU B 32 -0.38 -9.89 -6.26
N ALA B 33 -0.05 -8.99 -7.16
CA ALA B 33 -0.59 -9.10 -8.50
C ALA B 33 0.53 -8.91 -9.52
N TRP B 34 0.31 -9.40 -10.73
CA TRP B 34 1.27 -9.16 -11.77
C TRP B 34 0.60 -8.38 -12.89
N TYR B 35 1.29 -7.38 -13.45
CA TYR B 35 0.75 -6.66 -14.59
C TYR B 35 1.65 -6.69 -15.81
N GLN B 36 1.02 -6.62 -16.98
CA GLN B 36 1.73 -6.49 -18.26
C GLN B 36 1.52 -5.08 -18.80
N GLN B 37 2.58 -4.42 -19.24
CA GLN B 37 2.47 -3.08 -19.80
C GLN B 37 3.37 -2.90 -21.02
N LYS B 38 2.78 -2.45 -22.12
CA LYS B 38 3.52 -2.16 -23.34
C LYS B 38 3.67 -0.65 -23.45
N PRO B 39 4.68 -0.17 -24.22
CA PRO B 39 4.97 1.27 -24.23
C PRO B 39 3.80 2.17 -24.66
N GLY B 40 3.71 3.30 -23.96
CA GLY B 40 2.72 4.34 -24.20
C GLY B 40 1.29 4.05 -23.77
N LYS B 41 1.09 2.93 -23.09
CA LYS B 41 -0.26 2.52 -22.70
C LYS B 41 -0.34 2.15 -21.21
N ALA B 42 -1.56 2.04 -20.69
CA ALA B 42 -1.76 1.70 -19.29
C ALA B 42 -1.62 0.20 -19.03
N PRO B 43 -1.22 -0.17 -17.79
CA PRO B 43 -1.11 -1.57 -17.39
C PRO B 43 -2.43 -2.33 -17.42
N LYS B 44 -2.30 -3.64 -17.55
CA LYS B 44 -3.41 -4.58 -17.53
C LYS B 44 -3.17 -5.69 -16.51
N LEU B 45 -4.19 -5.98 -15.72
CA LEU B 45 -4.09 -7.01 -14.68
C LEU B 45 -3.97 -8.39 -15.32
N VAL B 46 -2.98 -9.17 -14.88
CA VAL B 46 -2.77 -10.52 -15.42
C VAL B 46 -3.09 -11.52 -14.32
N ILE B 47 -2.47 -11.32 -13.16
CA ILE B 47 -2.64 -12.24 -12.04
C ILE B 47 -2.69 -11.43 -10.73
N TYR B 48 -3.53 -11.86 -9.80
CA TYR B 48 -3.58 -11.30 -8.44
C TYR B 48 -3.58 -12.44 -7.42
N ALA B 49 -3.44 -12.09 -6.14
CA ALA B 49 -3.32 -13.07 -5.06
C ALA B 49 -2.26 -14.12 -5.40
N ALA B 50 -1.21 -13.68 -6.07
CA ALA B 50 -0.06 -14.52 -6.37
C ALA B 50 -0.31 -15.54 -7.48
N SER B 51 -1.49 -16.15 -7.48
CA SER B 51 -1.72 -17.30 -8.34
C SER B 51 -3.04 -17.32 -9.10
N THR B 52 -3.84 -16.28 -8.93
CA THR B 52 -5.16 -16.26 -9.55
C THR B 52 -5.14 -15.44 -10.83
N LEU B 53 -5.52 -16.06 -11.94
CA LEU B 53 -5.55 -15.37 -13.23
C LEU B 53 -6.71 -14.38 -13.28
N GLN B 54 -6.48 -13.20 -13.85
CA GLN B 54 -7.59 -12.30 -14.10
C GLN B 54 -8.41 -12.85 -15.27
N SER B 55 -9.72 -12.69 -15.21
CA SER B 55 -10.60 -13.25 -16.24
C SER B 55 -10.24 -12.74 -17.63
N GLY B 56 -10.28 -13.64 -18.61
CA GLY B 56 -9.94 -13.32 -19.97
C GLY B 56 -8.49 -13.61 -20.27
N VAL B 57 -7.68 -13.73 -19.22
CA VAL B 57 -6.26 -14.03 -19.38
C VAL B 57 -6.09 -15.50 -19.79
N PRO B 58 -5.26 -15.74 -20.82
CA PRO B 58 -5.08 -17.09 -21.38
C PRO B 58 -4.39 -18.06 -20.42
N SER B 59 -4.70 -19.34 -20.57
CA SER B 59 -4.26 -20.37 -19.62
C SER B 59 -2.73 -20.58 -19.62
N ARG B 60 -2.05 -20.09 -20.64
CA ARG B 60 -0.60 -20.25 -20.74
C ARG B 60 0.09 -19.43 -19.66
N PHE B 61 -0.68 -18.52 -19.06
CA PHE B 61 -0.23 -17.75 -17.92
C PHE B 61 -0.52 -18.49 -16.63
N SER B 62 0.43 -18.41 -15.70
CA SER B 62 0.22 -18.88 -14.35
C SER B 62 1.13 -18.15 -13.37
N GLY B 63 0.80 -18.20 -12.10
CA GLY B 63 1.62 -17.59 -11.07
C GLY B 63 1.54 -18.35 -9.77
N SER B 64 2.63 -18.35 -9.00
CA SER B 64 2.64 -19.00 -7.69
C SER B 64 3.56 -18.24 -6.74
N GLY B 65 3.51 -18.58 -5.46
CA GLY B 65 4.33 -17.94 -4.46
C GLY B 65 3.58 -17.38 -3.28
N SER B 66 4.33 -17.16 -2.20
CA SER B 66 3.80 -16.56 -0.99
C SER B 66 4.96 -16.20 -0.06
N GLY B 67 4.85 -15.06 0.64
CA GLY B 67 5.94 -14.61 1.49
C GLY B 67 6.90 -13.65 0.83
N THR B 68 8.00 -14.20 0.32
CA THR B 68 9.08 -13.39 -0.22
C THR B 68 9.42 -13.87 -1.64
N GLU B 69 8.93 -15.05 -2.02
CA GLU B 69 9.23 -15.56 -3.36
C GLU B 69 7.97 -15.76 -4.17
N PHE B 70 7.92 -15.09 -5.32
CA PHE B 70 6.76 -15.15 -6.21
C PHE B 70 7.21 -15.42 -7.63
N THR B 71 6.30 -15.93 -8.45
CA THR B 71 6.65 -16.37 -9.79
C THR B 71 5.55 -16.01 -10.76
N LEU B 72 5.96 -15.50 -11.90
CA LEU B 72 5.05 -15.37 -13.02
C LEU B 72 5.57 -16.25 -14.13
N THR B 73 4.70 -17.08 -14.68
CA THR B 73 5.15 -18.00 -15.69
C THR B 73 4.30 -17.95 -16.96
N ILE B 74 4.97 -17.97 -18.11
CA ILE B 74 4.32 -18.12 -19.39
C ILE B 74 4.81 -19.41 -20.03
N SER B 75 3.87 -20.32 -20.21
CA SER B 75 4.19 -21.68 -20.59
C SER B 75 4.71 -21.70 -22.02
N SER B 76 4.25 -20.73 -22.82
CA SER B 76 4.64 -20.62 -24.22
C SER B 76 4.39 -19.21 -24.74
N LEU B 77 5.46 -18.46 -24.94
CA LEU B 77 5.32 -17.05 -25.25
C LEU B 77 4.71 -16.93 -26.62
N GLN B 78 3.78 -15.99 -26.73
CA GLN B 78 3.26 -15.54 -28.00
C GLN B 78 3.70 -14.11 -28.22
N PRO B 79 3.68 -13.65 -29.49
CA PRO B 79 4.19 -12.32 -29.87
C PRO B 79 3.53 -11.23 -29.01
N GLU B 80 2.27 -11.49 -28.65
CA GLU B 80 1.44 -10.59 -27.89
C GLU B 80 1.84 -10.55 -26.41
N ASP B 81 2.65 -11.53 -26.01
CA ASP B 81 3.09 -11.68 -24.61
C ASP B 81 4.30 -10.81 -24.27
N PHE B 82 5.00 -10.32 -25.30
CA PHE B 82 6.19 -9.51 -25.10
C PHE B 82 5.87 -8.14 -24.58
N ALA B 83 6.46 -7.81 -23.45
CA ALA B 83 6.03 -6.66 -22.68
C ALA B 83 6.87 -6.47 -21.44
N THR B 84 6.59 -5.43 -20.68
CA THR B 84 7.23 -5.26 -19.39
C THR B 84 6.25 -5.73 -18.34
N TYR B 85 6.74 -6.56 -17.42
CA TYR B 85 5.91 -7.12 -16.37
C TYR B 85 6.29 -6.56 -15.02
N TYR B 86 5.29 -6.12 -14.26
CA TYR B 86 5.53 -5.60 -12.92
C TYR B 86 4.87 -6.48 -11.86
N CYS B 87 5.53 -6.66 -10.71
CA CYS B 87 4.84 -7.27 -9.58
C CYS B 87 4.42 -6.16 -8.67
N GLN B 88 3.41 -6.42 -7.85
CA GLN B 88 2.96 -5.36 -6.99
C GLN B 88 2.43 -5.93 -5.67
N HIS B 89 2.85 -5.35 -4.56
CA HIS B 89 2.27 -5.65 -3.25
C HIS B 89 0.89 -5.02 -3.15
N LEU B 90 -0.13 -5.81 -2.86
CA LEU B 90 -1.51 -5.38 -3.01
C LEU B 90 -2.00 -4.60 -1.82
N ILE B 91 -1.24 -4.62 -0.74
CA ILE B 91 -1.60 -3.80 0.40
C ILE B 91 -0.38 -3.03 0.89
N GLY B 92 -0.53 -2.39 2.04
CA GLY B 92 0.53 -1.57 2.56
C GLY B 92 0.67 -0.35 1.67
N LEU B 93 1.87 -0.12 1.14
CA LEU B 93 2.10 1.03 0.26
C LEU B 93 1.76 0.80 -1.22
N ARG B 94 1.26 -0.38 -1.55
CA ARG B 94 0.89 -0.77 -2.91
C ARG B 94 2.03 -0.51 -3.86
N SER B 95 3.22 -0.92 -3.44
CA SER B 95 4.45 -0.69 -4.18
C SER B 95 4.67 -1.69 -5.31
N PHE B 96 5.28 -1.24 -6.40
CA PHE B 96 5.60 -2.11 -7.54
C PHE B 96 7.05 -2.55 -7.61
N GLY B 97 7.27 -3.64 -8.33
CA GLY B 97 8.61 -4.04 -8.69
C GLY B 97 9.20 -3.07 -9.68
N GLN B 98 10.47 -3.24 -10.01
CA GLN B 98 11.09 -2.30 -10.89
C GLN B 98 10.74 -2.67 -12.32
N GLY B 99 10.13 -3.84 -12.49
CA GLY B 99 9.63 -4.22 -13.78
C GLY B 99 10.57 -5.13 -14.54
N THR B 100 10.02 -6.06 -15.30
CA THR B 100 10.84 -6.91 -16.15
C THR B 100 10.40 -6.73 -17.60
N LYS B 101 11.28 -6.15 -18.41
CA LYS B 101 10.99 -5.95 -19.84
C LYS B 101 11.36 -7.21 -20.58
N LEU B 102 10.38 -7.73 -21.30
CA LEU B 102 10.51 -8.99 -22.03
C LEU B 102 10.60 -8.75 -23.52
N GLU B 103 11.79 -9.00 -24.06
CA GLU B 103 12.11 -8.68 -25.44
C GLU B 103 12.27 -9.95 -26.27
N ILE B 104 12.12 -9.82 -27.58
CA ILE B 104 12.17 -10.94 -28.51
C ILE B 104 13.63 -11.25 -28.82
N LYS B 105 13.97 -12.52 -28.72
CA LYS B 105 15.32 -12.97 -29.04
C LYS B 105 15.40 -13.17 -30.55
N ARG B 106 16.57 -12.86 -31.14
CA ARG B 106 16.79 -13.11 -32.55
C ARG B 106 18.30 -13.19 -32.85
N THR B 107 18.66 -13.46 -34.11
CA THR B 107 20.08 -13.61 -34.47
C THR B 107 20.83 -12.28 -34.35
N VAL B 108 22.12 -12.35 -34.05
CA VAL B 108 22.94 -11.14 -34.05
C VAL B 108 22.85 -10.51 -35.42
N ALA B 109 22.72 -9.19 -35.42
CA ALA B 109 22.59 -8.42 -36.65
C ALA B 109 23.37 -7.11 -36.58
N ALA B 110 24.31 -6.95 -37.48
CA ALA B 110 25.16 -5.77 -37.48
C ALA B 110 24.34 -4.57 -37.92
N PRO B 111 24.64 -3.38 -37.36
CA PRO B 111 23.92 -2.18 -37.78
C PRO B 111 24.42 -1.67 -39.12
N SER B 112 23.52 -1.11 -39.91
CA SER B 112 23.90 -0.31 -41.06
C SER B 112 24.09 1.14 -40.61
N VAL B 113 25.24 1.73 -40.94
CA VAL B 113 25.57 3.07 -40.43
C VAL B 113 25.53 4.15 -41.50
N PHE B 114 24.86 5.24 -41.16
CA PHE B 114 24.73 6.40 -42.03
C PHE B 114 25.04 7.68 -41.26
N ILE B 115 25.71 8.61 -41.93
CA ILE B 115 25.97 9.91 -41.33
C ILE B 115 25.32 11.05 -42.14
N PHE B 116 24.79 12.05 -41.44
CA PHE B 116 24.10 13.20 -42.03
C PHE B 116 24.71 14.50 -41.53
N PRO B 117 25.22 15.33 -42.46
CA PRO B 117 25.74 16.64 -42.07
C PRO B 117 24.60 17.59 -41.71
N PRO B 118 24.92 18.71 -41.02
CA PRO B 118 23.93 19.73 -40.67
C PRO B 118 23.35 20.44 -41.89
N SER B 119 22.10 20.87 -41.83
CA SER B 119 21.56 21.63 -42.96
C SER B 119 22.10 23.05 -42.96
N ASP B 120 22.17 23.65 -44.13
CA ASP B 120 22.56 25.05 -44.24
C ASP B 120 21.58 25.95 -43.51
N GLU B 121 20.30 25.55 -43.50
CA GLU B 121 19.27 26.32 -42.82
C GLU B 121 19.53 26.41 -41.32
N GLN B 122 19.97 25.29 -40.72
CA GLN B 122 20.24 25.19 -39.29
C GLN B 122 21.50 25.93 -38.81
N LEU B 123 22.49 26.06 -39.68
CA LEU B 123 23.73 26.74 -39.32
C LEU B 123 23.55 28.24 -39.10
N LYS B 124 22.57 28.82 -39.80
CA LYS B 124 22.22 30.20 -39.63
C LYS B 124 21.79 30.53 -38.22
N SER B 125 21.24 29.53 -37.53
CA SER B 125 20.58 29.76 -36.26
C SER B 125 21.58 29.76 -35.12
N GLY B 126 22.76 29.20 -35.37
CA GLY B 126 23.81 29.22 -34.37
C GLY B 126 24.15 27.87 -33.78
N THR B 127 23.53 26.82 -34.33
CA THR B 127 23.77 25.46 -33.85
C THR B 127 23.88 24.52 -35.05
N ALA B 128 24.73 23.50 -34.90
CA ALA B 128 24.95 22.52 -35.96
C ALA B 128 24.70 21.12 -35.41
N SER B 129 23.78 20.37 -36.01
CA SER B 129 23.57 19.00 -35.56
C SER B 129 24.06 17.98 -36.58
N VAL B 130 24.97 17.12 -36.11
CA VAL B 130 25.46 15.99 -36.90
C VAL B 130 24.79 14.73 -36.39
N VAL B 131 24.18 13.99 -37.30
CA VAL B 131 23.43 12.83 -36.93
C VAL B 131 24.09 11.56 -37.47
N CYS B 132 24.22 10.58 -36.58
CA CYS B 132 24.77 9.27 -36.87
C CYS B 132 23.64 8.29 -36.63
N LEU B 133 23.31 7.52 -37.67
CA LEU B 133 22.21 6.57 -37.60
C LEU B 133 22.66 5.11 -37.65
N LEU B 134 22.22 4.31 -36.68
CA LEU B 134 22.37 2.88 -36.77
C LEU B 134 20.98 2.27 -37.02
N ASN B 135 20.81 1.61 -38.15
CA ASN B 135 19.50 1.17 -38.57
C ASN B 135 19.42 -0.35 -38.49
N ASN B 136 18.38 -0.87 -37.83
CA ASN B 136 18.10 -2.32 -37.84
C ASN B 136 19.26 -3.22 -37.41
N PHE B 137 19.59 -3.20 -36.12
CA PHE B 137 20.66 -4.01 -35.59
C PHE B 137 20.15 -4.83 -34.40
N TYR B 138 20.90 -5.86 -34.02
CA TYR B 138 20.63 -6.68 -32.84
C TYR B 138 21.91 -7.37 -32.37
N PRO B 139 22.13 -7.47 -31.05
CA PRO B 139 21.29 -7.02 -29.93
C PRO B 139 21.27 -5.52 -29.75
N ARG B 140 20.59 -5.05 -28.72
CA ARG B 140 20.34 -3.63 -28.55
C ARG B 140 21.59 -2.85 -28.20
N GLU B 141 22.52 -3.51 -27.51
CA GLU B 141 23.70 -2.81 -27.03
C GLU B 141 24.65 -2.44 -28.17
N ALA B 142 25.01 -1.16 -28.24
CA ALA B 142 25.98 -0.69 -29.23
C ALA B 142 26.70 0.54 -28.67
N LYS B 143 27.98 0.70 -29.02
CA LYS B 143 28.74 1.89 -28.60
C LYS B 143 28.99 2.84 -29.76
N VAL B 144 28.64 4.10 -29.56
CA VAL B 144 28.82 5.12 -30.59
C VAL B 144 29.71 6.25 -30.08
N GLN B 145 30.79 6.51 -30.79
CA GLN B 145 31.74 7.54 -30.40
C GLN B 145 31.91 8.60 -31.49
N TRP B 146 31.86 9.87 -31.12
CA TRP B 146 32.10 10.93 -32.09
C TRP B 146 33.55 11.42 -32.09
N LYS B 147 34.05 11.70 -33.29
CA LYS B 147 35.42 12.21 -33.48
C LYS B 147 35.47 13.38 -34.44
N VAL B 148 36.06 14.48 -33.97
CA VAL B 148 36.26 15.68 -34.76
C VAL B 148 37.74 15.99 -34.91
N ASP B 149 38.20 16.02 -36.17
CA ASP B 149 39.63 16.09 -36.46
C ASP B 149 40.38 15.04 -35.63
N ASN B 150 39.79 13.85 -35.54
CA ASN B 150 40.43 12.70 -34.93
C ASN B 150 40.50 12.84 -33.42
N ALA B 151 39.73 13.78 -32.89
CA ALA B 151 39.58 13.95 -31.46
C ALA B 151 38.26 13.35 -31.00
N LEU B 152 38.33 12.45 -30.03
CA LEU B 152 37.12 11.83 -29.47
C LEU B 152 36.33 12.97 -28.81
N GLN B 153 35.02 13.00 -29.04
CA GLN B 153 34.20 14.07 -28.50
C GLN B 153 33.52 13.79 -27.18
N SER B 154 33.38 14.87 -26.41
CA SER B 154 32.70 14.89 -25.11
C SER B 154 31.32 14.27 -25.16
N GLY B 155 31.02 13.40 -24.20
CA GLY B 155 29.67 12.89 -24.02
C GLY B 155 28.48 13.83 -24.23
N ASN B 156 28.72 15.05 -24.75
CA ASN B 156 27.63 16.01 -25.01
C ASN B 156 26.65 15.46 -26.05
N SER B 157 27.14 14.52 -26.85
CA SER B 157 26.36 13.80 -27.86
C SER B 157 25.14 13.19 -27.17
N GLN B 158 24.04 13.02 -27.89
CA GLN B 158 22.91 12.35 -27.26
C GLN B 158 22.40 11.22 -28.13
N GLU B 159 21.98 10.15 -27.46
CA GLU B 159 21.47 8.96 -28.14
C GLU B 159 19.99 8.77 -27.89
N SER B 160 19.33 8.11 -28.83
CA SER B 160 17.94 7.70 -28.67
C SER B 160 17.75 6.35 -29.29
N VAL B 161 17.06 5.45 -28.59
CA VAL B 161 16.89 4.11 -29.13
C VAL B 161 15.41 3.74 -29.23
N THR B 162 15.06 3.13 -30.35
CA THR B 162 13.71 2.65 -30.61
C THR B 162 13.40 1.34 -29.85
N GLU B 163 12.12 1.06 -29.69
CA GLU B 163 11.68 -0.26 -29.23
C GLU B 163 12.01 -1.19 -30.39
N GLN B 164 12.08 -2.50 -30.14
CA GLN B 164 12.33 -3.41 -31.26
C GLN B 164 11.37 -3.15 -32.38
N ASP B 165 11.96 -3.04 -33.57
CA ASP B 165 11.24 -2.89 -34.82
C ASP B 165 10.32 -4.09 -35.04
N SER B 166 9.11 -3.80 -35.48
CA SER B 166 8.10 -4.82 -35.62
C SER B 166 8.50 -5.70 -36.80
N LYS B 167 7.91 -6.87 -36.86
CA LYS B 167 8.17 -7.85 -37.91
C LYS B 167 9.55 -8.48 -37.80
N ASP B 168 10.62 -7.67 -37.78
CA ASP B 168 11.98 -8.22 -37.81
C ASP B 168 12.75 -8.24 -36.47
N SER B 169 12.19 -7.66 -35.42
CA SER B 169 12.74 -7.78 -34.06
C SER B 169 14.12 -7.12 -33.89
N THR B 170 14.43 -6.14 -34.72
CA THR B 170 15.70 -5.41 -34.60
C THR B 170 15.52 -4.08 -33.88
N TYR B 171 16.63 -3.39 -33.59
CA TYR B 171 16.58 -2.07 -32.98
C TYR B 171 17.16 -1.01 -33.88
N SER B 172 16.77 0.24 -33.64
CA SER B 172 17.45 1.36 -34.25
C SER B 172 17.85 2.44 -33.22
N LEU B 173 18.90 3.18 -33.52
CA LEU B 173 19.47 4.14 -32.58
C LEU B 173 19.99 5.39 -33.31
N SER B 174 19.71 6.57 -32.77
CA SER B 174 20.28 7.79 -33.32
C SER B 174 21.18 8.44 -32.28
N SER B 175 22.32 8.96 -32.73
CA SER B 175 23.17 9.78 -31.88
C SER B 175 23.39 11.13 -32.50
N THR B 176 23.10 12.19 -31.75
CA THR B 176 23.22 13.54 -32.30
C THR B 176 24.27 14.38 -31.60
N LEU B 177 25.28 14.80 -32.35
CA LEU B 177 26.29 15.69 -31.80
C LEU B 177 25.92 17.15 -32.07
N THR B 178 25.83 17.97 -31.03
CA THR B 178 25.47 19.38 -31.19
C THR B 178 26.57 20.40 -30.87
N LEU B 179 26.86 21.26 -31.84
CA LEU B 179 27.86 22.31 -31.66
C LEU B 179 27.32 23.68 -32.02
N SER B 180 28.01 24.70 -31.51
CA SER B 180 27.73 26.07 -31.95
C SER B 180 28.27 26.23 -33.36
N LYS B 181 27.79 27.25 -34.06
CA LYS B 181 28.26 27.50 -35.42
C LYS B 181 29.76 27.77 -35.42
N ALA B 182 30.22 28.56 -34.46
CA ALA B 182 31.63 28.92 -34.37
C ALA B 182 32.50 27.68 -34.15
N ASP B 183 32.07 26.83 -33.23
CA ASP B 183 32.79 25.61 -32.91
C ASP B 183 32.89 24.67 -34.12
N TYR B 184 31.77 24.45 -34.78
CA TYR B 184 31.69 23.60 -35.98
C TYR B 184 32.60 24.04 -37.11
N GLU B 185 32.65 25.35 -37.36
CA GLU B 185 33.35 25.91 -38.51
C GLU B 185 34.87 26.02 -38.30
N LYS B 186 35.38 25.66 -37.13
CA LYS B 186 36.83 25.68 -36.91
C LYS B 186 37.50 24.31 -37.07
N HIS B 187 36.73 23.29 -37.42
CA HIS B 187 37.27 21.94 -37.63
C HIS B 187 36.87 21.43 -39.00
N LYS B 188 37.59 20.42 -39.49
CA LYS B 188 37.39 19.98 -40.87
C LYS B 188 36.75 18.60 -40.96
N VAL B 189 37.33 17.62 -40.27
CA VAL B 189 36.89 16.24 -40.42
C VAL B 189 35.94 15.85 -39.30
N TYR B 190 34.79 15.31 -39.71
CA TYR B 190 33.78 14.82 -38.77
C TYR B 190 33.45 13.34 -38.98
N ALA B 191 33.57 12.59 -37.89
CA ALA B 191 33.42 11.14 -37.93
C ALA B 191 32.65 10.62 -36.71
N CYS B 192 31.80 9.62 -36.93
CA CYS B 192 31.20 8.86 -35.83
C CYS B 192 31.64 7.40 -35.95
N GLU B 193 32.08 6.83 -34.84
CA GLU B 193 32.59 5.46 -34.81
C GLU B 193 31.68 4.51 -34.05
N VAL B 194 31.26 3.44 -34.71
CA VAL B 194 30.28 2.53 -34.14
C VAL B 194 30.90 1.15 -33.83
N THR B 195 30.72 0.72 -32.59
CA THR B 195 31.16 -0.60 -32.15
C THR B 195 29.95 -1.48 -31.81
N HIS B 196 29.90 -2.68 -32.37
CA HIS B 196 28.78 -3.59 -32.17
C HIS B 196 29.15 -5.06 -32.40
N GLN B 197 28.48 -5.95 -31.69
CA GLN B 197 28.80 -7.38 -31.69
C GLN B 197 28.71 -8.01 -33.08
N GLY B 198 27.99 -7.37 -33.97
CA GLY B 198 27.75 -7.89 -35.31
C GLY B 198 28.85 -7.50 -36.28
N LEU B 199 29.74 -6.63 -35.85
CA LEU B 199 30.84 -6.19 -36.69
C LEU B 199 32.12 -6.92 -36.28
N SER B 200 32.91 -7.36 -37.27
CA SER B 200 34.17 -8.04 -36.98
C SER B 200 35.08 -7.02 -36.31
N SER B 201 34.87 -5.76 -36.68
CA SER B 201 35.54 -4.62 -36.07
C SER B 201 34.71 -3.36 -36.28
N PRO B 202 35.02 -2.29 -35.51
CA PRO B 202 34.38 -0.98 -35.54
C PRO B 202 34.31 -0.33 -36.92
N VAL B 203 33.15 0.24 -37.25
CA VAL B 203 32.91 0.91 -38.53
C VAL B 203 32.89 2.41 -38.38
N THR B 204 33.54 3.10 -39.32
CA THR B 204 33.64 4.55 -39.28
C THR B 204 33.10 5.24 -40.54
N LYS B 205 32.16 6.17 -40.33
CA LYS B 205 31.61 7.06 -41.36
C LYS B 205 32.02 8.52 -41.13
N SER B 206 32.42 9.23 -42.18
CA SER B 206 32.84 10.62 -42.01
C SER B 206 32.60 11.50 -43.24
N PHE B 207 32.73 12.82 -43.07
CA PHE B 207 32.65 13.77 -44.18
C PHE B 207 33.51 14.99 -43.88
N ASN B 208 33.84 15.77 -44.90
CA ASN B 208 34.56 17.02 -44.68
C ASN B 208 33.64 18.23 -44.85
N ARG B 209 33.66 19.12 -43.87
CA ARG B 209 32.86 20.35 -43.89
C ARG B 209 33.15 21.18 -45.14
N VAL C 1 -16.77 -1.90 -17.75
CA VAL C 1 -16.54 -0.57 -17.20
C VAL C 1 -15.33 0.11 -17.84
N GLN C 2 -15.50 1.37 -18.22
CA GLN C 2 -14.41 2.15 -18.82
C GLN C 2 -14.13 3.45 -18.04
N LEU C 3 -12.85 3.67 -17.74
CA LEU C 3 -12.35 4.94 -17.18
C LEU C 3 -11.67 5.88 -18.17
N GLN C 4 -12.24 7.07 -18.31
CA GLN C 4 -11.70 8.12 -19.16
C GLN C 4 -11.18 9.27 -18.28
N GLN C 5 -10.00 9.77 -18.61
CA GLN C 5 -9.36 10.84 -17.85
C GLN C 5 -9.25 12.12 -18.66
N TRP C 6 -9.28 13.26 -17.98
CA TRP C 6 -9.04 14.55 -18.60
C TRP C 6 -8.39 15.49 -17.58
N GLY C 7 -7.96 16.66 -18.04
CA GLY C 7 -7.20 17.57 -17.20
C GLY C 7 -5.92 18.12 -17.83
N ALA C 8 -5.45 19.26 -17.35
CA ALA C 8 -4.30 19.94 -17.93
C ALA C 8 -3.01 19.23 -17.54
N GLY C 9 -2.18 18.93 -18.53
CA GLY C 9 -0.97 18.16 -18.29
C GLY C 9 0.35 18.88 -18.34
N LEU C 10 0.32 20.14 -18.76
CA LEU C 10 1.54 20.97 -18.76
C LEU C 10 1.49 22.00 -17.65
N LEU C 11 2.37 21.85 -16.68
CA LEU C 11 2.32 22.69 -15.49
C LEU C 11 3.66 23.33 -15.18
N LYS C 12 3.64 24.45 -14.48
CA LYS C 12 4.88 25.02 -13.98
C LYS C 12 5.03 24.73 -12.49
N PRO C 13 6.27 24.76 -12.01
CA PRO C 13 6.57 24.50 -10.60
C PRO C 13 5.78 25.43 -9.68
N SER C 14 5.29 24.88 -8.58
CA SER C 14 4.53 25.61 -7.57
C SER C 14 3.06 25.67 -7.95
N GLU C 15 2.71 25.21 -9.15
CA GLU C 15 1.31 25.18 -9.54
C GLU C 15 0.58 23.96 -8.98
N THR C 16 -0.71 23.86 -9.27
CA THR C 16 -1.48 22.73 -8.77
C THR C 16 -1.90 21.84 -9.93
N LEU C 17 -1.59 20.56 -9.83
CA LEU C 17 -2.09 19.57 -10.78
C LEU C 17 -3.53 19.17 -10.48
N SER C 18 -4.41 19.26 -11.46
CA SER C 18 -5.82 18.91 -11.25
C SER C 18 -6.35 18.07 -12.40
N LEU C 19 -6.42 16.75 -12.16
CA LEU C 19 -6.87 15.77 -13.14
C LEU C 19 -8.20 15.19 -12.71
N THR C 20 -8.99 14.73 -13.67
CA THR C 20 -10.29 14.15 -13.36
C THR C 20 -10.46 12.80 -14.07
N CYS C 21 -11.17 11.89 -13.43
CA CYS C 21 -11.39 10.56 -13.96
C CYS C 21 -12.88 10.28 -13.96
N GLY C 22 -13.44 10.07 -15.15
CA GLY C 22 -14.84 9.72 -15.29
C GLY C 22 -15.04 8.22 -15.42
N VAL C 23 -16.06 7.71 -14.75
CA VAL C 23 -16.38 6.28 -14.79
C VAL C 23 -17.66 6.02 -15.58
N TYR C 24 -17.56 5.16 -16.59
CA TYR C 24 -18.68 4.85 -17.47
C TYR C 24 -18.91 3.34 -17.57
N GLY C 25 -20.10 2.88 -17.17
CA GLY C 25 -20.41 1.46 -17.18
C GLY C 25 -20.57 0.87 -15.79
N GLU C 26 -20.31 1.68 -14.77
CA GLU C 26 -20.41 1.21 -13.40
C GLU C 26 -20.57 2.40 -12.45
N SER C 27 -21.19 2.15 -11.30
CA SER C 27 -21.35 3.20 -10.29
C SER C 27 -20.19 3.23 -9.29
N LEU C 28 -19.98 4.38 -8.66
CA LEU C 28 -18.96 4.50 -7.63
C LEU C 28 -19.29 3.70 -6.35
N SER C 29 -20.56 3.37 -6.19
CA SER C 29 -21.04 2.73 -4.98
C SER C 29 -20.30 1.45 -4.68
N GLY C 30 -19.92 1.26 -3.42
CA GLY C 30 -19.29 0.03 -2.97
C GLY C 30 -18.01 -0.30 -3.70
N HIS C 31 -17.38 0.74 -4.28
CA HIS C 31 -16.14 0.55 -5.02
C HIS C 31 -15.07 1.56 -4.64
N TYR C 32 -13.85 1.05 -4.56
CA TYR C 32 -12.65 1.84 -4.33
C TYR C 32 -12.14 2.44 -5.63
N TRP C 33 -11.53 3.60 -5.53
CA TRP C 33 -11.04 4.32 -6.71
C TRP C 33 -9.73 5.02 -6.41
N SER C 34 -8.75 4.80 -7.28
CA SER C 34 -7.35 4.99 -6.91
C SER C 34 -6.61 5.80 -7.98
N TRP C 35 -5.51 6.44 -7.59
CA TRP C 35 -4.63 7.10 -8.55
C TRP C 35 -3.20 6.56 -8.45
N VAL C 36 -2.57 6.44 -9.61
CA VAL C 36 -1.23 5.88 -9.72
C VAL C 36 -0.48 6.63 -10.80
N ARG C 37 0.78 6.96 -10.52
CA ARG C 37 1.57 7.71 -11.48
C ARG C 37 2.84 6.94 -11.82
N GLN C 38 3.45 7.30 -12.95
CA GLN C 38 4.60 6.58 -13.48
C GLN C 38 5.58 7.56 -14.08
N PRO C 39 6.61 7.91 -13.31
CA PRO C 39 7.67 8.81 -13.81
C PRO C 39 8.36 8.20 -15.02
N PRO C 40 8.95 9.05 -15.87
CA PRO C 40 9.63 8.62 -17.09
C PRO C 40 10.72 7.56 -16.87
N GLY C 41 10.54 6.40 -17.51
CA GLY C 41 11.53 5.36 -17.45
C GLY C 41 11.56 4.66 -16.11
N LYS C 42 10.54 4.90 -15.30
CA LYS C 42 10.52 4.28 -13.98
C LYS C 42 9.27 3.48 -13.73
N ARG C 43 9.20 2.90 -12.53
CA ARG C 43 8.12 1.98 -12.19
C ARG C 43 6.88 2.72 -11.72
N LEU C 44 5.79 1.98 -11.63
CA LEU C 44 4.54 2.53 -11.14
C LEU C 44 4.61 2.81 -9.65
N GLU C 45 3.94 3.89 -9.26
CA GLU C 45 3.87 4.37 -7.89
C GLU C 45 2.46 4.74 -7.49
N TRP C 46 1.97 4.07 -6.44
CA TRP C 46 0.65 4.36 -5.88
C TRP C 46 0.56 5.74 -5.25
N ILE C 47 -0.49 6.45 -5.62
CA ILE C 47 -0.70 7.78 -5.09
C ILE C 47 -1.75 7.79 -3.97
N GLY C 48 -2.86 7.08 -4.16
CA GLY C 48 -3.89 7.06 -3.14
C GLY C 48 -5.20 6.51 -3.64
N GLU C 49 -6.11 6.26 -2.71
CA GLU C 49 -7.34 5.55 -3.01
C GLU C 49 -8.50 6.03 -2.14
N ILE C 50 -9.70 6.01 -2.70
CA ILE C 50 -10.85 6.61 -2.05
C ILE C 50 -12.04 5.67 -1.95
N LYS C 51 -13.03 6.10 -1.18
CA LYS C 51 -14.21 5.29 -0.89
C LYS C 51 -15.45 6.18 -0.76
N HIS C 52 -16.62 5.60 -0.99
CA HIS C 52 -17.86 6.38 -0.94
C HIS C 52 -18.11 7.01 0.43
N ASN C 53 -17.62 6.34 1.46
CA ASN C 53 -17.75 6.80 2.83
C ASN C 53 -17.18 8.20 2.99
N GLY C 54 -16.04 8.41 2.34
CA GLY C 54 -15.36 9.69 2.41
C GLY C 54 -13.96 9.59 2.97
N SER C 55 -13.65 8.47 3.60
CA SER C 55 -12.29 8.25 4.09
C SER C 55 -11.31 8.41 2.92
N PRO C 56 -10.33 9.32 3.06
CA PRO C 56 -9.26 9.57 2.09
C PRO C 56 -8.01 8.76 2.44
N ASN C 57 -7.46 8.01 1.48
CA ASN C 57 -6.29 7.17 1.74
C ASN C 57 -5.13 7.49 0.79
N TYR C 58 -4.09 8.12 1.33
CA TYR C 58 -3.02 8.70 0.53
C TYR C 58 -1.68 7.98 0.73
N HIS C 59 -0.70 8.26 -0.12
CA HIS C 59 0.64 7.72 0.07
C HIS C 59 1.44 8.72 0.91
N PRO C 60 2.31 8.22 1.79
CA PRO C 60 3.10 9.04 2.72
C PRO C 60 4.03 10.04 2.03
N SER C 61 4.45 9.71 0.81
CA SER C 61 5.31 10.60 0.06
C SER C 61 4.51 11.77 -0.54
N LEU C 62 3.23 11.88 -0.19
CA LEU C 62 2.37 12.89 -0.81
C LEU C 62 1.26 13.40 0.12
N LYS C 63 1.39 13.17 1.42
CA LYS C 63 0.30 13.46 2.36
C LYS C 63 -0.10 14.94 2.36
N SER C 64 0.86 15.83 2.59
CA SER C 64 0.50 17.24 2.77
C SER C 64 0.16 17.93 1.45
N ARG C 65 0.50 17.30 0.32
CA ARG C 65 0.25 17.93 -0.98
C ARG C 65 -0.93 17.35 -1.74
N VAL C 66 -1.35 16.16 -1.37
CA VAL C 66 -2.32 15.47 -2.18
C VAL C 66 -3.73 15.49 -1.61
N THR C 67 -4.70 15.71 -2.50
CA THR C 67 -6.09 15.48 -2.16
C THR C 67 -6.80 14.62 -3.23
N ILE C 68 -7.46 13.56 -2.78
CA ILE C 68 -8.32 12.72 -3.65
C ILE C 68 -9.78 12.79 -3.21
N SER C 69 -10.68 12.94 -4.18
CA SER C 69 -12.10 13.17 -3.94
C SER C 69 -13.10 12.54 -4.92
N LEU C 70 -14.32 12.33 -4.44
CA LEU C 70 -15.40 11.79 -5.26
C LEU C 70 -16.34 12.93 -5.62
N ASP C 71 -16.70 12.97 -6.89
CA ASP C 71 -17.79 13.80 -7.37
C ASP C 71 -19.01 12.93 -7.59
N MET C 72 -19.84 12.81 -6.56
CA MET C 72 -20.90 11.81 -6.54
C MET C 72 -22.01 12.12 -7.53
N SER C 73 -22.24 13.39 -7.80
CA SER C 73 -23.29 13.76 -8.74
C SER C 73 -22.97 13.37 -10.18
N LYS C 74 -21.68 13.25 -10.49
CA LYS C 74 -21.24 12.91 -11.84
C LYS C 74 -20.63 11.52 -11.98
N ASN C 75 -20.52 10.79 -10.87
CA ASN C 75 -19.83 9.51 -10.86
C ASN C 75 -18.43 9.75 -11.41
N GLN C 76 -17.77 10.74 -10.82
CA GLN C 76 -16.42 11.10 -11.17
C GLN C 76 -15.61 11.26 -9.90
N PHE C 77 -14.30 11.14 -10.03
CA PHE C 77 -13.41 11.43 -8.92
C PHE C 77 -12.17 12.14 -9.44
N SER C 78 -11.51 12.84 -8.53
CA SER C 78 -10.48 13.79 -8.91
C SER C 78 -9.26 13.68 -8.03
N LEU C 79 -8.14 14.17 -8.55
CA LEU C 79 -6.89 14.21 -7.81
C LEU C 79 -6.35 15.64 -7.82
N ASN C 80 -6.03 16.17 -6.64
CA ASN C 80 -5.37 17.47 -6.55
C ASN C 80 -3.97 17.34 -5.95
N LEU C 81 -3.00 18.02 -6.56
CA LEU C 81 -1.63 18.07 -6.03
C LEU C 81 -1.03 19.47 -6.06
N THR C 82 -0.84 20.04 -4.88
CA THR C 82 -0.42 21.42 -4.75
C THR C 82 1.09 21.55 -4.79
N SER C 83 1.58 22.74 -5.10
CA SER C 83 3.02 23.02 -5.11
C SER C 83 3.80 21.92 -5.83
N VAL C 84 3.48 21.70 -7.11
CA VAL C 84 4.14 20.64 -7.89
C VAL C 84 5.56 21.05 -8.25
N THR C 85 6.46 20.08 -8.32
CA THR C 85 7.81 20.35 -8.83
C THR C 85 8.13 19.48 -10.03
N ALA C 86 9.35 19.63 -10.56
CA ALA C 86 9.77 18.84 -11.72
C ALA C 86 9.66 17.34 -11.45
N ALA C 87 9.78 16.96 -10.18
CA ALA C 87 9.79 15.56 -9.79
C ALA C 87 8.42 14.89 -9.92
N ASP C 88 7.38 15.68 -10.14
CA ASP C 88 6.04 15.11 -10.33
C ASP C 88 5.71 14.83 -11.78
N THR C 89 6.70 15.03 -12.65
CA THR C 89 6.52 14.72 -14.06
C THR C 89 6.37 13.23 -14.20
N ALA C 90 5.26 12.81 -14.81
CA ALA C 90 4.91 11.40 -14.90
C ALA C 90 3.64 11.24 -15.71
N VAL C 91 3.34 10.02 -16.10
CA VAL C 91 2.01 9.71 -16.60
C VAL C 91 1.18 9.32 -15.40
N TYR C 92 0.04 9.98 -15.26
CA TYR C 92 -0.84 9.70 -14.14
C TYR C 92 -2.04 8.86 -14.57
N PHE C 93 -2.27 7.75 -13.87
CA PHE C 93 -3.39 6.85 -14.19
C PHE C 93 -4.44 6.84 -13.09
N CYS C 94 -5.70 6.67 -13.48
CA CYS C 94 -6.74 6.33 -12.51
C CYS C 94 -7.07 4.86 -12.69
N ALA C 95 -7.67 4.27 -11.67
CA ALA C 95 -7.98 2.85 -11.73
C ALA C 95 -9.03 2.44 -10.71
N ARG C 96 -9.99 1.63 -11.17
CA ARG C 96 -11.03 1.07 -10.31
C ARG C 96 -10.50 -0.13 -9.51
N ARG C 97 -11.04 -0.34 -8.32
CA ARG C 97 -10.55 -1.41 -7.47
C ARG C 97 -11.50 -2.63 -7.43
N SER C 98 -10.97 -3.77 -7.87
CA SER C 98 -11.69 -5.04 -7.82
C SER C 98 -11.82 -5.51 -6.37
N ASN C 99 -12.88 -6.27 -6.10
CA ASN C 99 -13.24 -6.64 -4.73
C ASN C 99 -13.16 -8.12 -4.45
N TRP C 100 -13.34 -8.43 -3.17
CA TRP C 100 -13.38 -9.79 -2.68
C TRP C 100 -13.41 -9.88 -1.15
N PRO C 101 -12.82 -8.90 -0.43
CA PRO C 101 -12.09 -7.70 -0.86
C PRO C 101 -10.59 -7.97 -1.11
N TYR C 102 -10.31 -8.98 -1.94
CA TYR C 102 -9.04 -9.03 -2.62
C TYR C 102 -9.05 -7.81 -3.54
N LEU C 103 -7.88 -7.23 -3.79
CA LEU C 103 -7.80 -6.09 -4.71
C LEU C 103 -7.59 -6.59 -6.15
N PRO C 104 -6.98 -5.79 -7.03
CA PRO C 104 -6.54 -4.41 -6.96
C PRO C 104 -7.05 -3.63 -8.16
N PHE C 105 -6.18 -3.46 -9.15
CA PHE C 105 -6.38 -2.44 -10.16
C PHE C 105 -6.85 -3.02 -11.50
N ASP C 106 -8.14 -2.88 -11.75
CA ASP C 106 -8.75 -3.24 -13.03
C ASP C 106 -10.21 -2.82 -12.97
N PRO C 107 -10.65 -2.03 -13.95
CA PRO C 107 -9.86 -1.51 -15.08
C PRO C 107 -8.98 -0.29 -14.76
N TRP C 108 -8.34 0.24 -15.80
CA TRP C 108 -7.42 1.39 -15.73
C TRP C 108 -7.87 2.50 -16.68
N GLY C 109 -7.62 3.74 -16.32
CA GLY C 109 -7.76 4.83 -17.28
C GLY C 109 -6.64 4.79 -18.30
N GLN C 110 -6.70 5.67 -19.30
CA GLN C 110 -5.72 5.62 -20.39
C GLN C 110 -4.46 6.39 -20.02
N GLY C 111 -4.52 7.10 -18.91
CA GLY C 111 -3.39 7.86 -18.43
C GLY C 111 -3.35 9.27 -19.00
N THR C 112 -2.82 10.20 -18.22
CA THR C 112 -2.63 11.57 -18.70
C THR C 112 -1.17 11.96 -18.57
N LEU C 113 -0.54 12.38 -19.66
CA LEU C 113 0.84 12.84 -19.53
C LEU C 113 0.88 14.20 -18.88
N VAL C 114 1.60 14.26 -17.76
CA VAL C 114 1.76 15.48 -17.02
C VAL C 114 3.24 15.83 -16.99
N THR C 115 3.55 17.04 -17.49
CA THR C 115 4.92 17.51 -17.54
C THR C 115 5.06 18.77 -16.70
N VAL C 116 5.95 18.74 -15.72
CA VAL C 116 6.21 19.92 -14.90
C VAL C 116 7.60 20.48 -15.24
N SER C 117 7.59 21.68 -15.80
CA SER C 117 8.78 22.43 -16.17
C SER C 117 8.44 23.90 -16.20
N SER C 118 9.45 24.77 -16.08
CA SER C 118 9.15 26.19 -16.20
C SER C 118 9.15 26.61 -17.67
N ALA C 119 9.64 25.73 -18.55
CA ALA C 119 9.73 26.00 -19.99
C ALA C 119 8.37 26.41 -20.57
N SER C 120 8.37 27.37 -21.50
CA SER C 120 7.12 27.77 -22.16
C SER C 120 6.86 26.93 -23.43
N THR C 121 5.59 26.72 -23.76
CA THR C 121 5.22 25.98 -24.98
C THR C 121 5.82 26.61 -26.21
N LYS C 122 6.41 25.77 -27.06
CA LYS C 122 7.06 26.18 -28.31
C LYS C 122 6.92 25.13 -29.42
N GLY C 123 6.66 25.60 -30.64
CA GLY C 123 6.56 24.72 -31.80
C GLY C 123 7.93 24.35 -32.30
N PRO C 124 8.04 23.18 -32.97
CA PRO C 124 9.33 22.67 -33.45
C PRO C 124 9.91 23.32 -34.72
N SER C 125 11.24 23.43 -34.74
CA SER C 125 11.96 23.69 -35.96
C SER C 125 12.27 22.36 -36.64
N VAL C 126 12.01 22.28 -37.94
CA VAL C 126 12.27 21.08 -38.73
C VAL C 126 13.38 21.24 -39.75
N PHE C 127 14.42 20.43 -39.65
CA PHE C 127 15.55 20.51 -40.57
C PHE C 127 15.63 19.20 -41.34
N PRO C 128 16.10 19.27 -42.58
CA PRO C 128 16.24 18.05 -43.37
C PRO C 128 17.49 17.23 -43.02
N LEU C 129 17.34 15.91 -43.10
CA LEU C 129 18.48 15.00 -43.07
C LEU C 129 18.66 14.43 -44.46
N ALA C 130 19.49 15.10 -45.25
CA ALA C 130 19.53 14.84 -46.67
C ALA C 130 20.25 13.57 -47.06
N PRO C 131 19.69 12.85 -48.04
CA PRO C 131 20.29 11.65 -48.64
C PRO C 131 21.44 12.06 -49.56
N SER C 132 22.45 11.22 -49.65
CA SER C 132 23.57 11.49 -50.54
C SER C 132 24.10 10.19 -51.13
N SER C 133 24.90 10.30 -52.18
CA SER C 133 25.35 9.11 -52.89
C SER C 133 26.42 8.46 -52.03
N LYS C 134 26.88 9.23 -51.05
CA LYS C 134 27.53 8.69 -49.85
C LYS C 134 26.42 8.49 -48.79
N SER C 135 25.81 7.30 -48.80
CA SER C 135 24.58 6.95 -48.06
C SER C 135 23.76 5.98 -48.88
N THR C 136 24.29 5.54 -50.02
CA THR C 136 23.70 4.46 -50.81
C THR C 136 24.27 3.08 -50.44
N SER C 137 23.76 2.50 -49.36
CA SER C 137 24.16 1.17 -48.91
C SER C 137 23.62 0.08 -49.84
N GLY C 138 24.40 -0.27 -50.85
CA GLY C 138 23.99 -1.31 -51.79
C GLY C 138 22.65 -1.06 -52.45
N GLY C 139 22.46 0.15 -52.99
CA GLY C 139 21.24 0.54 -53.69
C GLY C 139 20.09 1.01 -52.82
N THR C 140 20.38 1.22 -51.54
CA THR C 140 19.43 1.78 -50.59
C THR C 140 19.97 3.07 -49.97
N ALA C 141 19.24 4.18 -50.15
CA ALA C 141 19.59 5.46 -49.54
C ALA C 141 18.84 5.73 -48.24
N ALA C 142 19.41 6.58 -47.39
CA ALA C 142 18.73 7.00 -46.17
C ALA C 142 18.56 8.52 -46.11
N LEU C 143 17.41 8.95 -45.59
CA LEU C 143 17.08 10.37 -45.40
C LEU C 143 16.17 10.54 -44.18
N GLY C 144 15.93 11.78 -43.77
CA GLY C 144 15.15 12.02 -42.57
C GLY C 144 14.82 13.46 -42.28
N CYS C 145 14.35 13.70 -41.06
CA CYS C 145 14.01 15.03 -40.56
C CYS C 145 14.46 15.23 -39.13
N LEU C 146 15.12 16.34 -38.88
CA LEU C 146 15.47 16.68 -37.52
C LEU C 146 14.42 17.60 -36.92
N VAL C 147 13.74 17.14 -35.88
CA VAL C 147 12.71 17.95 -35.26
C VAL C 147 13.19 18.47 -33.91
N LYS C 148 13.50 19.75 -33.86
CA LYS C 148 14.30 20.28 -32.77
C LYS C 148 13.62 21.39 -31.98
N ASP C 149 13.90 21.41 -30.69
CA ASP C 149 13.52 22.51 -29.81
C ASP C 149 12.01 22.77 -29.72
N TYR C 150 11.26 21.78 -29.23
CA TYR C 150 9.84 21.97 -28.99
C TYR C 150 9.51 21.59 -27.57
N PHE C 151 8.39 22.10 -27.07
CA PHE C 151 7.97 21.80 -25.70
C PHE C 151 6.51 22.11 -25.45
N PRO C 152 5.81 21.21 -24.74
CA PRO C 152 6.33 19.93 -24.28
C PRO C 152 6.06 18.83 -25.30
N GLU C 153 6.24 17.57 -24.91
CA GLU C 153 5.80 16.46 -25.75
C GLU C 153 4.29 16.35 -25.78
N PRO C 154 3.76 15.58 -26.76
CA PRO C 154 4.60 14.94 -27.77
C PRO C 154 4.47 15.53 -29.14
N VAL C 155 5.27 15.02 -30.08
CA VAL C 155 5.00 15.30 -31.48
C VAL C 155 4.72 14.01 -32.18
N THR C 156 3.97 14.10 -33.27
CA THR C 156 3.74 12.96 -34.13
C THR C 156 4.46 13.27 -35.42
N VAL C 157 4.98 12.25 -36.08
CA VAL C 157 5.67 12.45 -37.34
C VAL C 157 5.19 11.40 -38.34
N SER C 158 4.79 11.83 -39.53
CA SER C 158 4.46 10.89 -40.60
C SER C 158 5.26 11.25 -41.84
N TRP C 159 5.16 10.43 -42.87
CA TRP C 159 5.88 10.66 -44.11
C TRP C 159 4.97 10.56 -45.31
N ASN C 160 5.01 11.58 -46.15
CA ASN C 160 4.12 11.68 -47.28
C ASN C 160 2.67 11.47 -46.88
N SER C 161 2.24 12.14 -45.81
CA SER C 161 0.85 12.12 -45.37
C SER C 161 0.31 10.73 -45.06
N GLY C 162 1.19 9.80 -44.71
CA GLY C 162 0.78 8.46 -44.32
C GLY C 162 0.91 7.40 -45.39
N ALA C 163 1.41 7.78 -46.56
CA ALA C 163 1.62 6.85 -47.67
C ALA C 163 2.93 6.08 -47.51
N LEU C 164 3.92 6.72 -46.88
CA LEU C 164 5.22 6.09 -46.61
C LEU C 164 5.28 5.54 -45.18
N THR C 165 5.38 4.22 -45.04
CA THR C 165 5.23 3.55 -43.76
C THR C 165 6.33 2.53 -43.54
N SER C 166 6.72 1.86 -44.61
CA SER C 166 7.79 0.89 -44.53
C SER C 166 9.11 1.61 -44.34
N GLY C 167 9.95 1.08 -43.45
CA GLY C 167 11.28 1.63 -43.24
C GLY C 167 11.28 2.91 -42.43
N VAL C 168 10.12 3.27 -41.87
CA VAL C 168 10.06 4.49 -41.07
C VAL C 168 10.43 4.16 -39.64
N HIS C 169 11.30 4.99 -39.08
CA HIS C 169 11.63 4.94 -37.66
C HIS C 169 11.55 6.30 -37.00
N THR C 170 10.59 6.47 -36.09
CA THR C 170 10.48 7.71 -35.33
C THR C 170 11.02 7.50 -33.92
N PHE C 171 12.17 8.10 -33.65
CA PHE C 171 12.89 7.88 -32.40
C PHE C 171 12.19 8.49 -31.20
N PRO C 172 12.42 7.92 -30.03
CA PRO C 172 11.93 8.58 -28.82
C PRO C 172 12.52 9.98 -28.68
N ALA C 173 11.70 10.91 -28.22
CA ALA C 173 12.18 12.26 -27.99
C ALA C 173 13.25 12.26 -26.91
N VAL C 174 14.21 13.16 -27.03
CA VAL C 174 15.16 13.38 -25.95
C VAL C 174 15.04 14.82 -25.43
N LEU C 175 15.19 14.97 -24.13
CA LEU C 175 15.18 16.27 -23.47
C LEU C 175 16.55 16.94 -23.49
N GLN C 176 16.63 18.09 -24.17
CA GLN C 176 17.88 18.83 -24.26
C GLN C 176 18.18 19.62 -23.00
N SER C 177 19.41 20.11 -22.90
CA SER C 177 19.85 20.88 -21.74
C SER C 177 19.14 22.23 -21.69
N SER C 178 18.42 22.53 -22.77
CA SER C 178 17.64 23.75 -22.88
C SER C 178 16.27 23.62 -22.21
N GLY C 179 15.86 22.39 -21.94
CA GLY C 179 14.54 22.11 -21.39
C GLY C 179 13.56 21.84 -22.51
N LEU C 180 14.08 21.81 -23.73
CA LEU C 180 13.30 21.52 -24.94
C LEU C 180 13.59 20.13 -25.47
N TYR C 181 12.58 19.53 -26.11
CA TYR C 181 12.73 18.18 -26.66
C TYR C 181 13.30 18.23 -28.07
N SER C 182 13.85 17.11 -28.49
CA SER C 182 14.42 16.98 -29.82
C SER C 182 14.25 15.53 -30.27
N LEU C 183 14.22 15.34 -31.57
CA LEU C 183 13.78 14.08 -32.15
C LEU C 183 14.20 13.95 -33.59
N SER C 184 14.47 12.73 -34.05
CA SER C 184 14.73 12.54 -35.46
C SER C 184 13.82 11.46 -36.00
N SER C 185 13.39 11.61 -37.23
CA SER C 185 12.66 10.55 -37.89
C SER C 185 13.38 10.21 -39.19
N VAL C 186 13.68 8.94 -39.40
CA VAL C 186 14.41 8.58 -40.60
C VAL C 186 13.66 7.54 -41.40
N VAL C 187 14.06 7.39 -42.65
CA VAL C 187 13.46 6.39 -43.52
C VAL C 187 14.43 5.93 -44.58
N THR C 188 14.43 4.64 -44.85
CA THR C 188 15.23 4.10 -45.93
C THR C 188 14.39 3.81 -47.17
N VAL C 189 14.90 4.28 -48.30
CA VAL C 189 14.21 4.12 -49.57
C VAL C 189 15.21 3.67 -50.63
N PRO C 190 14.70 3.16 -51.76
CA PRO C 190 15.56 2.82 -52.90
C PRO C 190 16.25 4.07 -53.45
N SER C 191 17.53 3.96 -53.80
CA SER C 191 18.26 5.11 -54.33
C SER C 191 17.63 5.64 -55.62
N SER C 192 17.19 4.71 -56.46
CA SER C 192 16.63 5.04 -57.78
C SER C 192 15.42 5.97 -57.69
N SER C 193 14.73 5.92 -56.56
CA SER C 193 13.50 6.67 -56.38
C SER C 193 13.75 8.13 -56.01
N LEU C 194 15.00 8.46 -55.68
CA LEU C 194 15.31 9.81 -55.20
C LEU C 194 14.97 10.89 -56.22
N GLY C 195 15.21 10.60 -57.50
CA GLY C 195 15.01 11.58 -58.55
C GLY C 195 13.59 11.67 -59.09
N THR C 196 12.73 10.76 -58.67
CA THR C 196 11.40 10.62 -59.25
C THR C 196 10.32 10.50 -58.17
N GLN C 197 10.73 10.63 -56.92
CA GLN C 197 9.82 10.47 -55.79
C GLN C 197 10.05 11.54 -54.75
N THR C 198 8.96 12.13 -54.29
CA THR C 198 9.03 13.19 -53.30
C THR C 198 8.97 12.63 -51.89
N TYR C 199 9.78 13.19 -50.99
CA TYR C 199 9.76 12.74 -49.61
C TYR C 199 9.56 13.92 -48.67
N ILE C 200 8.44 13.90 -47.95
CA ILE C 200 8.10 14.97 -47.02
C ILE C 200 7.78 14.43 -45.64
N CYS C 201 8.43 14.94 -44.60
CA CYS C 201 8.00 14.53 -43.27
C CYS C 201 6.97 15.50 -42.76
N ASN C 202 5.89 14.96 -42.23
CA ASN C 202 4.80 15.73 -41.64
C ASN C 202 4.94 15.60 -40.12
N VAL C 203 5.01 16.74 -39.45
CA VAL C 203 5.31 16.80 -38.03
C VAL C 203 4.20 17.54 -37.31
N ASN C 204 3.61 16.98 -36.26
CA ASN C 204 2.57 17.74 -35.59
C ASN C 204 2.79 17.87 -34.08
N HIS C 205 2.73 19.11 -33.60
CA HIS C 205 2.82 19.40 -32.17
C HIS C 205 1.62 20.20 -31.69
N LYS C 206 0.59 19.50 -31.24
CA LYS C 206 -0.70 20.10 -30.87
C LYS C 206 -0.62 21.16 -29.77
N PRO C 207 0.24 20.93 -28.74
CA PRO C 207 0.39 21.91 -27.65
C PRO C 207 0.66 23.36 -28.07
N SER C 208 1.20 23.58 -29.27
CA SER C 208 1.45 24.93 -29.78
C SER C 208 0.81 25.11 -31.18
N ASN C 209 -0.12 24.21 -31.49
CA ASN C 209 -0.80 24.12 -32.78
C ASN C 209 0.13 24.36 -33.96
N THR C 210 1.17 23.55 -34.06
CA THR C 210 2.15 23.63 -35.13
C THR C 210 2.12 22.38 -36.01
N LYS C 211 1.98 22.57 -37.32
CA LYS C 211 2.03 21.48 -38.28
C LYS C 211 3.06 21.85 -39.31
N VAL C 212 4.07 21.03 -39.50
CA VAL C 212 5.13 21.38 -40.40
C VAL C 212 5.30 20.30 -41.45
N ASP C 213 5.43 20.71 -42.70
CA ASP C 213 5.82 19.78 -43.75
C ASP C 213 7.15 20.18 -44.37
N LYS C 214 8.13 19.28 -44.33
CA LYS C 214 9.43 19.56 -44.89
C LYS C 214 9.92 18.52 -45.90
N LYS C 215 10.02 18.96 -47.16
CA LYS C 215 10.55 18.11 -48.22
C LYS C 215 12.04 17.87 -48.06
N VAL C 216 12.47 16.64 -48.30
CA VAL C 216 13.87 16.29 -48.12
C VAL C 216 14.45 15.92 -49.49
N GLU C 217 15.33 16.79 -49.98
CA GLU C 217 15.91 16.62 -51.31
C GLU C 217 17.40 16.31 -51.23
N PRO C 218 17.92 15.53 -52.20
CA PRO C 218 19.34 15.19 -52.24
C PRO C 218 20.23 16.42 -52.43
N LYS C 219 21.54 16.24 -52.25
CA LYS C 219 22.51 17.29 -52.54
C LYS C 219 23.80 16.64 -53.04
CA MPT D 1 2.45 -17.27 34.32
C MPT D 1 3.52 -18.20 34.79
O MPT D 1 3.43 -19.40 34.44
CB MPT D 1 1.58 -16.69 35.37
SG MPT D 1 0.88 -17.84 36.52
N ASN D 2 4.45 -17.70 35.68
CA ASN D 2 5.14 -18.75 36.43
C ASN D 2 4.35 -19.18 37.66
N LEU D 3 3.59 -20.25 37.50
CA LEU D 3 2.66 -20.67 38.54
C LEU D 3 3.30 -20.96 39.89
N HIS D 4 4.44 -21.66 39.90
CA HIS D 4 5.09 -21.99 41.16
C HIS D 4 5.47 -20.74 41.96
N PHE D 5 6.11 -19.78 41.31
CA PHE D 5 6.52 -18.58 42.01
C PHE D 5 5.30 -17.71 42.32
N CYS D 6 4.30 -17.75 41.45
CA CYS D 6 3.03 -17.11 41.74
C CYS D 6 2.45 -17.68 43.03
N GLN D 7 2.46 -19.01 43.13
CA GLN D 7 1.98 -19.66 44.33
C GLN D 7 2.89 -19.30 45.51
N LEU D 8 4.19 -19.25 45.26
CA LEU D 8 5.16 -18.92 46.30
C LEU D 8 4.98 -17.49 46.84
N ARG D 9 4.39 -16.62 46.02
CA ARG D 9 4.20 -15.23 46.41
C ARG D 9 2.87 -14.99 47.14
N CYS D 10 1.80 -15.59 46.62
CA CYS D 10 0.46 -15.34 47.15
C CYS D 10 0.23 -15.86 48.58
N LYS D 11 0.75 -17.04 48.86
CA LYS D 11 0.62 -17.65 50.18
C LYS D 11 1.15 -16.73 51.28
N SER D 12 2.13 -15.91 50.93
CA SER D 12 2.73 -14.96 51.86
C SER D 12 1.79 -13.77 52.11
N LEU D 13 0.67 -13.74 51.40
CA LEU D 13 -0.42 -12.79 51.67
C LEU D 13 -1.59 -13.56 52.30
N GLY D 14 -1.39 -14.85 52.49
CA GLY D 14 -2.43 -15.72 53.03
C GLY D 14 -3.27 -16.37 51.95
N LEU D 15 -2.79 -16.32 50.71
CA LEU D 15 -3.63 -16.59 49.54
C LEU D 15 -3.04 -17.66 48.60
N LEU D 16 -3.91 -18.31 47.83
CA LEU D 16 -3.44 -19.20 46.76
C LEU D 16 -3.17 -18.38 45.51
N GLY D 17 -2.29 -18.88 44.65
CA GLY D 17 -2.00 -18.24 43.39
C GLY D 17 -2.52 -19.04 42.21
N ARG D 18 -2.87 -18.33 41.14
CA ARG D 18 -3.25 -18.96 39.89
C ARG D 18 -2.91 -18.02 38.76
N CYS D 19 -2.75 -18.56 37.56
CA CYS D 19 -2.48 -17.70 36.41
C CYS D 19 -3.73 -16.97 35.95
N ALA D 20 -3.51 -15.73 35.53
CA ALA D 20 -4.48 -14.93 34.78
C ALA D 20 -3.78 -14.63 33.47
N DPR D 21 -3.92 -15.52 32.51
CA DPR D 21 -3.10 -15.42 31.30
CB DPR D 21 -3.62 -16.56 30.42
CG DPR D 21 -4.14 -17.55 31.38
CD DPR D 21 -4.68 -16.78 32.55
C DPR D 21 -1.64 -15.59 31.65
O DPR D 21 -1.28 -16.61 32.25
N THR D 22 -0.84 -14.60 31.34
CA THR D 22 0.59 -14.63 31.60
C THR D 22 0.95 -13.96 32.93
N U2X D 23 -0.08 -13.54 33.68
C U2X D 23 -0.21 -13.72 36.14
O U2X D 23 -1.01 -14.63 36.07
CA U2X D 23 0.08 -12.88 34.94
CB U2X D 23 -0.74 -11.64 35.02
CG U2X D 23 -0.55 -10.55 33.99
CD1 U2X D 23 0.67 -9.82 33.97
CD2 U2X D 23 -1.58 -10.27 33.12
CE1 U2X D 23 0.84 -8.73 33.00
CE2 U2X D 23 -1.41 -9.15 32.12
CZ U2X D 23 -0.24 -8.44 32.10
OH U2X D 23 -0.09 -7.41 31.19
C7 U2X D 23 -1.20 -6.62 30.92
C1 U2X D 23 -1.39 -3.26 29.09
C2 U2X D 23 -2.03 -4.31 29.94
C3 U2X D 23 -0.86 -5.27 30.37
C4 U2X D 23 0.28 -4.45 31.12
C5 U2X D 23 0.69 -3.19 30.33
C6 U2X D 23 -0.56 -2.42 29.98
N CYS D 24 0.40 -13.38 37.25
CA CYS D 24 0.11 -14.02 38.53
C CYS D 24 -1.05 -13.31 39.21
N ALA D 25 -2.05 -14.08 39.62
CA ALA D 25 -3.16 -13.57 40.41
C ALA D 25 -3.23 -14.33 41.72
N CYS D 26 -3.45 -13.62 42.82
CA CYS D 26 -3.72 -14.23 44.12
C CYS D 26 -5.22 -14.36 44.30
N VAL D 27 -5.66 -15.48 44.95
CA VAL D 27 -7.08 -15.82 45.01
C VAL D 27 -7.85 -15.26 46.18
N NH2 D 28 -8.77 -14.18 45.99
C1 NAG E . -19.97 -25.06 36.52
C2 NAG E . -20.34 -26.43 35.94
C3 NAG E . -20.97 -27.31 37.01
C4 NAG E . -20.06 -27.39 38.24
C5 NAG E . -19.69 -25.99 38.71
C6 NAG E . -18.68 -26.00 39.84
C7 NAG E . -20.85 -26.55 33.53
C8 NAG E . -19.44 -27.03 33.35
N2 NAG E . -21.23 -26.29 34.79
O3 NAG E . -21.22 -28.61 36.50
O4 NAG E . -20.70 -28.11 39.28
O5 NAG E . -19.11 -25.23 37.64
O6 NAG E . -18.04 -24.73 39.97
O7 NAG E . -21.62 -26.44 32.59
C1 NAG F . -4.12 2.51 46.45
C2 NAG F . -2.91 2.10 47.30
C3 NAG F . -3.33 1.87 48.75
C4 NAG F . -4.07 3.08 49.29
C5 NAG F . -5.24 3.42 48.38
C6 NAG F . -5.96 4.69 48.80
C7 NAG F . -0.96 0.70 46.80
C8 NAG F . -0.15 1.78 47.45
N2 NAG F . -2.28 0.91 46.76
O3 NAG F . -2.17 1.62 49.54
O4 NAG F . -4.56 2.81 50.61
O5 NAG F . -4.76 3.65 47.04
O6 NAG F . -6.00 5.64 47.74
O7 NAG F . -0.45 -0.32 46.34
C1 NAG G . -27.14 -18.55 28.66
C2 NAG G . -26.66 -19.56 29.70
C3 NAG G . -27.02 -20.98 29.26
C4 NAG G . -28.50 -21.07 28.91
C5 NAG G . -28.87 -20.00 27.89
C6 NAG G . -30.34 -19.98 27.57
C7 NAG G . -24.63 -19.65 31.09
C8 NAG G . -25.54 -20.01 32.24
N2 NAG G . -25.23 -19.45 29.91
O3 NAG G . -26.70 -21.91 30.29
O4 NAG G . -28.79 -22.35 28.35
O5 NAG G . -28.54 -18.72 28.43
O6 NAG G . -31.08 -20.86 28.39
O7 NAG G . -23.42 -19.55 31.23
C1 NAG H . -17.36 6.92 23.26
C2 NAG H . -17.02 6.79 21.77
C3 NAG H . -17.63 7.95 20.98
C4 NAG H . -19.13 8.02 21.24
C5 NAG H . -19.40 8.11 22.73
C6 NAG H . -20.87 8.06 23.07
C7 NAG H . -14.96 5.78 20.87
C8 NAG H . -13.47 5.90 20.77
N2 NAG H . -15.58 6.74 21.57
O3 NAG H . -17.36 7.81 19.59
O4 NAG H . -19.68 9.15 20.58
O5 NAG H . -18.80 7.00 23.42
O6 NAG H . -21.13 7.18 24.15
O7 NAG H . -15.57 4.86 20.35
C1 NAG I . -12.70 14.44 30.74
C2 NAG I . -13.61 15.41 31.51
C3 NAG I . -14.69 15.97 30.58
C4 NAG I . -14.06 16.55 29.31
C5 NAG I . -13.17 15.48 28.66
C6 NAG I . -12.44 15.97 27.44
C7 NAG I . -14.03 15.17 33.91
C8 NAG I . -14.71 14.36 34.97
N2 NAG I . -14.20 14.76 32.66
O3 NAG I . -15.45 16.97 31.25
O4 NAG I . -15.06 16.97 28.40
O5 NAG I . -12.17 15.08 29.60
O6 NAG I . -11.27 15.19 27.22
O7 NAG I . -13.35 16.15 34.18
C1 NAG J . -9.64 5.07 23.39
C2 NAG J . -8.14 4.98 23.69
C3 NAG J . -7.60 6.37 24.04
C4 NAG J . -7.95 7.37 22.94
C5 NAG J . -9.45 7.35 22.69
C6 NAG J . -9.88 8.26 21.56
C7 NAG J . -6.96 3.05 24.69
C8 NAG J . -6.81 2.21 25.92
N2 NAG J . -7.87 4.04 24.77
O3 NAG J . -6.18 6.31 24.21
O4 NAG J . -7.57 8.69 23.35
O5 NAG J . -9.87 6.02 22.34
O6 NAG J . -9.87 7.62 20.30
O7 NAG J . -6.31 2.84 23.67
C1 NAG K . -29.26 0.74 30.27
C2 NAG K . -30.58 1.30 29.71
C3 NAG K . -31.43 1.87 30.84
C4 NAG K . -31.63 0.80 31.92
C5 NAG K . -30.26 0.30 32.38
C6 NAG K . -30.34 -0.82 33.39
C7 NAG K . -31.29 2.80 27.90
C8 NAG K . -30.85 3.83 26.91
N2 NAG K . -30.34 2.31 28.69
O3 NAG K . -32.70 2.29 30.36
O4 NAG K . -32.35 1.33 33.02
O5 NAG K . -29.53 -0.22 31.26
O6 NAG K . -29.07 -1.45 33.55
O7 NAG K . -32.46 2.44 27.99
O6 BU3 L . -18.08 -22.09 44.08
C3 BU3 L . -19.42 -21.71 44.18
C4 BU3 L . -19.74 -20.65 43.14
C2 BU3 L . -19.71 -21.14 45.55
O5 BU3 L . -18.93 -19.98 45.76
C1 BU3 L . -19.38 -22.18 46.59
HO6 BU3 L . -17.57 -21.37 43.92
H3 BU3 L . -20.00 -22.48 44.02
H41 BU3 L . -18.97 -20.55 42.55
H42 BU3 L . -19.91 -19.80 43.60
H43 BU3 L . -20.52 -20.92 42.63
H2 BU3 L . -20.66 -20.90 45.62
HO5 BU3 L . -18.22 -20.00 45.23
H11 BU3 L . -19.82 -21.94 47.44
H12 BU3 L . -18.41 -22.19 46.74
H13 BU3 L . -19.67 -23.05 46.29
O6 BU3 M . 17.24 30.00 -32.58
C3 BU3 M . 16.22 30.40 -33.47
C4 BU3 M . 16.84 31.20 -34.60
C2 BU3 M . 15.14 31.21 -32.76
O5 BU3 M . 15.53 32.56 -32.61
C1 BU3 M . 14.84 30.62 -31.39
HO6 BU3 M . 17.57 30.70 -32.15
H3 BU3 M . 15.81 29.60 -33.85
H41 BU3 M . 17.27 30.58 -35.23
H42 BU3 M . 17.51 31.82 -34.24
H43 BU3 M . 16.14 31.70 -35.06
H2 BU3 M . 14.33 31.18 -33.29
HO5 BU3 M . 15.86 32.68 -31.79
H11 BU3 M . 13.99 30.97 -31.07
H12 BU3 M . 15.56 30.87 -30.76
H13 BU3 M . 14.80 29.65 -31.46
S SO4 N . 12.84 2.52 -10.61
O1 SO4 N . 12.37 3.89 -10.84
O2 SO4 N . 13.39 1.95 -11.84
O3 SO4 N . 13.87 2.52 -9.57
O4 SO4 N . 11.72 1.69 -10.17
O6 BU3 O . -6.52 -20.03 -21.95
C3 BU3 O . -7.83 -19.86 -22.47
C4 BU3 O . -8.57 -21.18 -22.38
C2 BU3 O . -7.80 -19.40 -23.91
O5 BU3 O . -7.01 -20.31 -24.66
C1 BU3 O . -7.25 -17.98 -24.03
HO6 BU3 O . -6.15 -20.75 -22.30
H3 BU3 O . -8.30 -19.19 -21.93
H41 BU3 O . -8.79 -21.37 -21.44
H42 BU3 O . -8.00 -21.90 -22.73
H43 BU3 O . -9.39 -21.13 -22.91
H2 BU3 O . -8.70 -19.41 -24.26
HO5 BU3 O . -6.21 -20.39 -24.29
H11 BU3 O . -7.50 -17.61 -24.91
H12 BU3 O . -6.27 -18.00 -23.96
H13 BU3 O . -7.63 -17.42 -23.32
S SO4 P . -16.27 -6.03 -13.98
O1 SO4 P . -15.77 -4.91 -14.77
O2 SO4 P . -17.06 -5.51 -12.86
O3 SO4 P . -15.15 -6.81 -13.45
O4 SO4 P . -17.11 -6.89 -14.80
C1 NAG Q . -8.60 21.25 -6.89
C2 NAG Q . -10.03 21.21 -6.35
C3 NAG Q . -10.96 21.98 -7.29
C4 NAG Q . -10.43 23.40 -7.50
C5 NAG Q . -8.99 23.35 -7.99
C6 NAG Q . -8.36 24.72 -8.15
C7 NAG Q . -10.63 18.98 -7.19
C8 NAG Q . -11.09 17.60 -6.81
N2 NAG Q . -10.48 19.85 -6.18
O3 NAG Q . -12.27 22.02 -6.74
O4 NAG Q . -11.25 24.09 -8.44
O5 NAG Q . -8.18 22.62 -7.05
O6 NAG Q . -9.35 25.72 -8.38
O7 NAG Q . -10.40 19.29 -8.36
#